data_6OF9
#
_entry.id   6OF9
#
_cell.length_a   126.464
_cell.length_b   126.464
_cell.length_c   372.436
_cell.angle_alpha   90.00
_cell.angle_beta   90.00
_cell.angle_gamma   90.00
#
_symmetry.space_group_name_H-M   'P 41 21 2'
#
loop_
_entity.id
_entity.type
_entity.pdbx_description
1 polymer 'CaMKII hub'
2 water water
#
_entity_poly.entity_id   1
_entity_poly.type   'polypeptide(L)'
_entity_poly.pdbx_seq_one_letter_code
;MSAAAEVLARNQELLTAIAAGNYEKYATMCDPSMTCFEPEAVGHLVEGLDFHKYYFTMPSAPPAPDAPKPHVLNTMASPH
VRMVGDSCAVVSYIRLTQKMVNGAPVTVQAEETRVWEKKDGGWIHVHMHRSLVK
;
_entity_poly.pdbx_strand_id   E,D,A,B,C,F,G,H,I
#
# COMPACT_ATOMS: atom_id res chain seq x y z
N MET A 1 52.82 -13.15 0.32
CA MET A 1 54.15 -12.54 0.30
C MET A 1 54.27 -11.55 -0.86
N SER A 2 53.67 -10.37 -0.69
CA SER A 2 53.66 -9.34 -1.73
C SER A 2 53.83 -7.97 -1.10
N ALA A 3 54.49 -7.07 -1.83
CA ALA A 3 54.63 -5.70 -1.35
C ALA A 3 53.30 -4.97 -1.33
N ALA A 4 52.39 -5.30 -2.25
CA ALA A 4 51.06 -4.70 -2.25
C ALA A 4 50.30 -5.05 -0.98
N ALA A 5 50.40 -6.31 -0.54
CA ALA A 5 49.78 -6.69 0.73
C ALA A 5 50.40 -5.89 1.88
N GLU A 6 51.70 -5.61 1.79
CA GLU A 6 52.37 -4.86 2.84
C GLU A 6 51.86 -3.41 2.91
N VAL A 7 51.77 -2.73 1.77
CA VAL A 7 51.27 -1.36 1.80
C VAL A 7 49.80 -1.33 2.19
N LEU A 8 49.02 -2.34 1.79
CA LEU A 8 47.62 -2.41 2.22
C LEU A 8 47.53 -2.52 3.73
N ALA A 9 48.33 -3.41 4.33
CA ALA A 9 48.34 -3.55 5.78
C ALA A 9 48.83 -2.27 6.46
N ARG A 10 49.80 -1.60 5.85
CA ARG A 10 50.31 -0.35 6.40
C ARG A 10 49.24 0.73 6.40
N ASN A 11 48.44 0.80 5.33
CA ASN A 11 47.36 1.76 5.27
C ASN A 11 46.28 1.43 6.31
N GLN A 12 45.96 0.15 6.47
CA GLN A 12 45.01 -0.24 7.51
C GLN A 12 45.54 0.10 8.90
N GLU A 13 46.86 -0.04 9.10
CA GLU A 13 47.48 0.35 10.36
C GLU A 13 47.33 1.85 10.59
N LEU A 14 47.53 2.64 9.54
CA LEU A 14 47.32 4.09 9.64
C LEU A 14 45.88 4.41 10.04
N LEU A 15 44.92 3.73 9.41
CA LEU A 15 43.52 3.95 9.75
C LEU A 15 43.23 3.57 11.19
N THR A 16 43.84 2.49 11.67
CA THR A 16 43.65 2.09 13.07
C THR A 16 44.20 3.15 14.01
N ALA A 17 45.39 3.68 13.69
CA ALA A 17 45.96 4.75 14.50
C ALA A 17 45.05 5.98 14.51
N ILE A 18 44.48 6.32 13.36
CA ILE A 18 43.57 7.46 13.27
C ILE A 18 42.35 7.22 14.15
N ALA A 19 41.76 6.02 14.07
CA ALA A 19 40.58 5.72 14.85
C ALA A 19 40.87 5.69 16.34
N ALA A 20 42.10 5.34 16.73
CA ALA A 20 42.46 5.28 18.14
C ALA A 20 42.79 6.63 18.75
N GLY A 21 42.97 7.66 17.93
CA GLY A 21 43.43 8.94 18.44
C GLY A 21 44.89 8.95 18.82
N ASN A 22 45.67 8.00 18.31
CA ASN A 22 47.09 7.86 18.61
C ASN A 22 47.86 8.76 17.64
N TYR A 23 48.12 9.99 18.06
CA TYR A 23 48.82 10.91 17.16
C TYR A 23 50.29 10.56 17.02
N GLU A 24 50.90 9.94 18.04
CA GLU A 24 52.32 9.62 17.95
C GLU A 24 52.59 8.63 16.82
N LYS A 25 51.79 7.56 16.77
CA LYS A 25 51.95 6.58 15.69
C LYS A 25 51.60 7.18 14.34
N TYR A 26 50.53 7.98 14.29
CA TYR A 26 50.16 8.67 13.06
C TYR A 26 51.32 9.50 12.53
N ALA A 27 51.95 10.27 13.42
CA ALA A 27 53.06 11.13 13.00
C ALA A 27 54.27 10.31 12.57
N THR A 28 54.56 9.22 13.30
CA THR A 28 55.65 8.36 12.88
C THR A 28 55.39 7.68 11.54
N MET A 29 54.13 7.58 11.12
CA MET A 29 53.82 6.97 9.83
C MET A 29 53.77 7.97 8.68
N CYS A 30 53.75 9.27 8.94
CA CYS A 30 53.55 10.28 7.91
C CYS A 30 54.81 11.13 7.74
N ASP A 31 55.10 11.48 6.49
CA ASP A 31 56.20 12.39 6.20
C ASP A 31 55.82 13.81 6.62
N PRO A 32 56.73 14.57 7.23
CA PRO A 32 56.38 15.93 7.66
C PRO A 32 55.97 16.86 6.54
N SER A 33 56.26 16.52 5.28
CA SER A 33 55.86 17.30 4.13
C SER A 33 54.60 16.74 3.47
N MET A 34 53.79 15.99 4.22
CA MET A 34 52.64 15.32 3.64
C MET A 34 51.59 16.32 3.17
N THR A 35 51.08 16.12 1.96
CA THR A 35 50.04 16.96 1.38
C THR A 35 48.68 16.29 1.52
N CYS A 36 47.64 17.11 1.63
CA CYS A 36 46.33 16.60 2.01
C CYS A 36 45.21 17.40 1.37
N PHE A 37 44.33 16.71 0.68
CA PHE A 37 42.98 17.17 0.40
C PHE A 37 42.04 16.42 1.32
N GLU A 38 41.17 17.14 2.03
CA GLU A 38 40.16 16.50 2.86
C GLU A 38 39.07 17.52 3.16
N PRO A 39 37.87 17.04 3.53
CA PRO A 39 36.76 17.98 3.78
C PRO A 39 37.06 19.04 4.81
N GLU A 40 37.81 18.69 5.87
CA GLU A 40 38.18 19.67 6.88
C GLU A 40 39.08 20.77 6.33
N ALA A 41 39.74 20.53 5.19
CA ALA A 41 40.57 21.54 4.54
C ALA A 41 39.76 22.50 3.66
N VAL A 42 38.43 22.42 3.71
CA VAL A 42 37.46 23.23 2.98
C VAL A 42 37.97 23.66 1.60
N GLY A 43 38.36 22.69 0.78
CA GLY A 43 38.66 22.94 -0.61
C GLY A 43 40.05 23.42 -0.93
N HIS A 44 41.02 23.20 -0.05
CA HIS A 44 42.39 23.65 -0.28
C HIS A 44 43.37 22.53 0.02
N LEU A 45 44.59 22.69 -0.48
CA LEU A 45 45.66 21.72 -0.29
C LEU A 45 46.51 22.17 0.90
N VAL A 46 46.49 21.38 1.98
CA VAL A 46 47.26 21.69 3.17
C VAL A 46 48.50 20.81 3.19
N GLU A 47 49.55 21.29 3.86
CA GLU A 47 50.81 20.58 3.96
C GLU A 47 51.25 20.53 5.42
N GLY A 48 51.86 19.42 5.81
CA GLY A 48 52.34 19.26 7.16
C GLY A 48 51.44 18.38 8.01
N LEU A 49 51.80 18.30 9.29
CA LEU A 49 51.10 17.46 10.25
C LEU A 49 50.29 18.25 11.27
N ASP A 50 50.60 19.54 11.47
CA ASP A 50 49.92 20.31 12.51
C ASP A 50 48.42 20.41 12.24
N PHE A 51 48.04 20.55 10.97
CA PHE A 51 46.62 20.64 10.63
C PHE A 51 45.88 19.39 11.09
N HIS A 52 46.52 18.23 10.98
CA HIS A 52 45.90 16.99 11.43
C HIS A 52 46.05 16.81 12.94
N LYS A 53 47.21 17.21 13.49
CA LYS A 53 47.40 17.14 14.94
C LYS A 53 46.36 17.95 15.69
N TYR A 54 45.80 18.98 15.04
CA TYR A 54 44.74 19.76 15.67
C TYR A 54 43.59 18.88 16.13
N TYR A 55 43.25 17.86 15.33
CA TYR A 55 42.08 17.04 15.65
C TYR A 55 42.40 15.94 16.66
N PHE A 56 43.66 15.54 16.80
CA PHE A 56 44.03 14.60 17.85
C PHE A 56 44.08 15.23 19.23
N THR A 57 44.25 16.54 19.31
CA THR A 57 44.49 17.23 20.58
C THR A 57 43.34 18.17 20.96
N MET A 58 42.14 17.88 20.47
CA MET A 58 41.00 18.75 20.76
C MET A 58 40.62 18.65 22.24
N PRO A 59 40.21 19.75 22.86
CA PRO A 59 39.81 19.71 24.28
C PRO A 59 38.54 18.90 24.50
N SER A 60 38.68 17.74 25.13
CA SER A 60 37.56 16.84 25.38
C SER A 60 37.19 16.87 26.86
N ALA A 61 35.92 16.65 27.14
CA ALA A 61 35.45 16.53 28.51
C ALA A 61 35.81 15.16 29.06
N PRO A 62 36.32 15.07 30.29
CA PRO A 62 36.78 13.78 30.81
C PRO A 62 35.64 12.79 30.87
N PRO A 63 35.94 11.49 30.77
CA PRO A 63 34.87 10.49 30.68
C PRO A 63 34.09 10.36 31.98
N ALA A 64 32.81 10.01 31.82
CA ALA A 64 31.84 9.87 32.90
C ALA A 64 31.14 8.52 32.74
N PRO A 65 30.22 8.14 33.64
CA PRO A 65 29.43 6.92 33.39
C PRO A 65 28.51 7.06 32.17
N ASP A 66 29.06 6.87 30.98
CA ASP A 66 28.31 6.97 29.75
C ASP A 66 28.47 5.66 28.99
N ALA A 67 29.35 5.59 28.00
CA ALA A 67 29.73 4.35 27.33
C ALA A 67 31.25 4.33 27.28
N PRO A 68 31.90 3.96 28.39
CA PRO A 68 33.33 4.26 28.54
C PRO A 68 34.27 3.55 27.58
N LYS A 69 33.98 3.60 26.27
CA LYS A 69 34.91 3.13 25.24
C LYS A 69 34.40 3.53 23.86
N PRO A 70 35.26 4.14 23.02
CA PRO A 70 34.83 4.46 21.66
C PRO A 70 34.75 3.21 20.79
N HIS A 71 33.67 3.10 20.04
CA HIS A 71 33.39 1.95 19.18
C HIS A 71 33.47 2.42 17.73
N VAL A 72 34.66 2.30 17.13
CA VAL A 72 34.92 2.81 15.79
C VAL A 72 35.67 1.75 15.00
N LEU A 73 35.26 1.54 13.75
CA LEU A 73 35.93 0.57 12.89
C LEU A 73 36.02 1.11 11.47
N ASN A 74 37.23 1.06 10.91
CA ASN A 74 37.47 1.51 9.54
C ASN A 74 37.66 0.30 8.63
N THR A 75 36.97 0.30 7.49
CA THR A 75 37.00 -0.77 6.51
C THR A 75 37.41 -0.20 5.16
N MET A 76 38.30 -0.88 4.46
CA MET A 76 38.76 -0.47 3.14
C MET A 76 37.99 -1.26 2.10
N ALA A 77 36.83 -0.74 1.70
CA ALA A 77 36.02 -1.38 0.69
C ALA A 77 36.69 -1.33 -0.67
N SER A 78 36.84 -2.52 -1.27
CA SER A 78 37.37 -2.80 -2.61
C SER A 78 38.69 -2.07 -2.84
N PRO A 79 39.75 -2.42 -2.12
CA PRO A 79 41.00 -1.69 -2.26
C PRO A 79 41.66 -1.96 -3.60
N HIS A 80 42.55 -1.05 -3.98
CA HIS A 80 43.30 -1.14 -5.22
C HIS A 80 44.68 -0.57 -4.97
N VAL A 81 45.71 -1.40 -5.15
CA VAL A 81 47.09 -1.01 -4.95
C VAL A 81 47.80 -0.97 -6.30
N ARG A 82 48.44 0.16 -6.59
CA ARG A 82 49.20 0.32 -7.82
C ARG A 82 50.64 0.70 -7.48
N MET A 83 51.59 -0.05 -8.01
CA MET A 83 53.01 0.23 -7.84
C MET A 83 53.48 1.11 -8.99
N VAL A 84 53.92 2.33 -8.67
CA VAL A 84 54.34 3.30 -9.65
C VAL A 84 55.83 3.49 -9.48
N GLY A 85 56.61 2.78 -10.27
CA GLY A 85 58.05 2.84 -10.16
C GLY A 85 58.57 2.01 -9.00
N ASP A 86 59.82 2.26 -8.66
CA ASP A 86 60.50 1.49 -7.64
C ASP A 86 60.13 1.90 -6.21
N SER A 87 59.70 3.15 -6.00
CA SER A 87 59.58 3.70 -4.65
C SER A 87 58.18 4.17 -4.27
N CYS A 88 57.17 3.97 -5.12
CA CYS A 88 55.85 4.56 -4.87
C CYS A 88 54.76 3.50 -4.91
N ALA A 89 53.76 3.68 -4.05
CA ALA A 89 52.57 2.84 -4.06
C ALA A 89 51.34 3.72 -3.82
N VAL A 90 50.29 3.46 -4.59
CA VAL A 90 49.04 4.22 -4.50
C VAL A 90 47.94 3.28 -4.06
N VAL A 91 47.31 3.58 -2.94
CA VAL A 91 46.24 2.78 -2.36
C VAL A 91 44.95 3.59 -2.51
N SER A 92 44.02 3.06 -3.31
CA SER A 92 42.73 3.71 -3.54
C SER A 92 41.63 2.80 -3.05
N TYR A 93 40.69 3.34 -2.27
CA TYR A 93 39.67 2.51 -1.66
C TYR A 93 38.49 3.38 -1.24
N ILE A 94 37.42 2.72 -0.77
CA ILE A 94 36.30 3.40 -0.15
C ILE A 94 36.41 3.18 1.35
N ARG A 95 36.69 4.26 2.09
CA ARG A 95 36.76 4.22 3.54
C ARG A 95 35.35 4.16 4.10
N LEU A 96 35.05 3.09 4.85
CA LEU A 96 33.80 2.91 5.57
C LEU A 96 34.09 2.98 7.06
N THR A 97 33.59 4.02 7.71
CA THR A 97 33.80 4.25 9.13
C THR A 97 32.50 3.96 9.86
N GLN A 98 32.49 2.87 10.64
CA GLN A 98 31.37 2.55 11.50
C GLN A 98 31.62 3.17 12.88
N LYS A 99 30.75 4.10 13.28
CA LYS A 99 30.90 4.79 14.55
C LYS A 99 29.54 4.88 15.22
N MET A 100 29.55 5.39 16.46
CA MET A 100 28.35 5.51 17.28
C MET A 100 28.00 6.98 17.44
N VAL A 101 26.77 7.34 17.07
CA VAL A 101 26.24 8.68 17.31
C VAL A 101 24.89 8.54 17.99
N ASN A 102 24.72 9.25 19.11
CA ASN A 102 23.50 9.20 19.92
C ASN A 102 23.07 7.75 20.19
N GLY A 103 24.03 6.93 20.56
CA GLY A 103 23.76 5.54 20.90
C GLY A 103 23.33 4.66 19.75
N ALA A 104 23.50 5.10 18.51
CA ALA A 104 23.09 4.32 17.35
C ALA A 104 24.25 4.20 16.37
N PRO A 105 24.34 3.08 15.65
CA PRO A 105 25.42 2.92 14.67
C PRO A 105 25.19 3.75 13.43
N VAL A 106 26.28 4.22 12.84
CA VAL A 106 26.24 5.00 11.61
C VAL A 106 27.48 4.67 10.79
N THR A 107 27.28 4.50 9.49
CA THR A 107 28.34 4.17 8.54
C THR A 107 28.61 5.38 7.66
N VAL A 108 29.82 5.94 7.76
CA VAL A 108 30.25 7.06 6.95
C VAL A 108 31.13 6.54 5.82
N GLN A 109 30.96 7.09 4.62
CA GLN A 109 31.70 6.65 3.46
C GLN A 109 32.52 7.80 2.89
N ALA A 110 33.70 7.47 2.38
CA ALA A 110 34.56 8.48 1.75
C ALA A 110 35.44 7.81 0.70
N GLU A 111 35.69 8.52 -0.40
CA GLU A 111 36.66 8.06 -1.37
C GLU A 111 38.06 8.48 -0.92
N GLU A 112 38.98 7.52 -0.83
CA GLU A 112 40.31 7.84 -0.33
C GLU A 112 41.38 7.33 -1.28
N THR A 113 42.31 8.23 -1.60
CA THR A 113 43.54 7.91 -2.33
C THR A 113 44.70 8.30 -1.44
N ARG A 114 45.54 7.32 -1.09
CA ARG A 114 46.68 7.56 -0.22
C ARG A 114 47.96 7.08 -0.91
N VAL A 115 48.97 7.94 -0.94
CA VAL A 115 50.23 7.66 -1.61
C VAL A 115 51.28 7.37 -0.55
N TRP A 116 52.00 6.27 -0.73
CA TRP A 116 53.07 5.85 0.17
C TRP A 116 54.38 5.78 -0.61
N GLU A 117 55.47 6.12 0.09
CA GLU A 117 56.81 6.09 -0.46
C GLU A 117 57.68 5.16 0.37
N LYS A 118 58.51 4.37 -0.31
CA LYS A 118 59.42 3.44 0.36
C LYS A 118 60.66 4.22 0.81
N LYS A 119 60.69 4.55 2.10
CA LYS A 119 61.83 5.23 2.71
C LYS A 119 62.30 4.44 3.92
N ASP A 120 63.62 4.30 4.03
CA ASP A 120 64.27 3.72 5.21
C ASP A 120 63.65 2.38 5.59
N GLY A 121 63.50 1.51 4.60
CA GLY A 121 63.02 0.17 4.85
C GLY A 121 61.57 0.08 5.27
N GLY A 122 60.80 1.17 5.12
CA GLY A 122 59.40 1.17 5.45
C GLY A 122 58.61 1.99 4.45
N TRP A 123 57.30 2.06 4.67
CA TRP A 123 56.40 2.86 3.83
C TRP A 123 55.92 4.05 4.64
N ILE A 124 56.05 5.25 4.05
CA ILE A 124 55.68 6.50 4.71
C ILE A 124 54.61 7.19 3.88
N HIS A 125 53.61 7.72 4.57
CA HIS A 125 52.46 8.37 3.93
C HIS A 125 52.83 9.78 3.50
N VAL A 126 52.65 10.10 2.22
CA VAL A 126 53.13 11.39 1.71
C VAL A 126 52.00 12.26 1.17
N HIS A 127 50.92 11.65 0.67
CA HIS A 127 49.82 12.41 0.12
C HIS A 127 48.51 11.68 0.33
N MET A 128 47.48 12.43 0.74
CA MET A 128 46.14 11.87 0.90
C MET A 128 45.10 12.76 0.24
N HIS A 129 44.04 12.12 -0.27
CA HIS A 129 42.92 12.80 -0.91
C HIS A 129 41.63 12.14 -0.44
N ARG A 130 40.82 12.88 0.30
CA ARG A 130 39.57 12.38 0.85
C ARG A 130 38.38 13.10 0.22
N SER A 131 37.34 12.34 -0.10
CA SER A 131 36.14 12.90 -0.72
C SER A 131 34.92 12.29 -0.04
N LEU A 132 34.06 13.13 0.52
CA LEU A 132 32.82 12.65 1.11
C LEU A 132 31.81 12.32 0.02
N VAL A 133 31.10 11.20 0.20
CA VAL A 133 30.06 10.76 -0.72
C VAL A 133 28.71 11.02 -0.09
N LYS A 134 27.79 11.58 -0.86
CA LYS A 134 26.45 11.90 -0.37
C LYS A 134 25.61 10.63 -0.26
N SER B 2 62.80 20.74 -12.64
CA SER B 2 62.69 20.73 -14.09
C SER B 2 61.83 19.57 -14.57
N ALA B 3 62.01 18.41 -13.93
CA ALA B 3 61.12 17.27 -14.22
C ALA B 3 59.70 17.58 -13.78
N ALA B 4 59.55 18.23 -12.62
CA ALA B 4 58.23 18.66 -12.15
C ALA B 4 57.57 19.59 -13.15
N ALA B 5 58.35 20.49 -13.78
CA ALA B 5 57.80 21.38 -14.78
C ALA B 5 57.32 20.60 -16.00
N GLU B 6 58.06 19.55 -16.38
CA GLU B 6 57.62 18.71 -17.50
C GLU B 6 56.32 17.99 -17.18
N VAL B 7 56.18 17.49 -15.96
CA VAL B 7 54.95 16.81 -15.57
C VAL B 7 53.79 17.81 -15.52
N LEU B 8 54.06 19.04 -15.06
CA LEU B 8 53.03 20.08 -15.07
C LEU B 8 52.59 20.40 -16.49
N ALA B 9 53.54 20.47 -17.43
CA ALA B 9 53.19 20.70 -18.82
C ALA B 9 52.32 19.57 -19.36
N ARG B 10 52.67 18.32 -19.05
CA ARG B 10 51.86 17.19 -19.49
C ARG B 10 50.45 17.26 -18.90
N ASN B 11 50.34 17.66 -17.63
CA ASN B 11 49.03 17.73 -16.99
C ASN B 11 48.17 18.81 -17.63
N GLN B 12 48.75 19.99 -17.87
CA GLN B 12 48.01 21.06 -18.54
C GLN B 12 47.63 20.66 -19.95
N GLU B 13 48.50 19.89 -20.63
CA GLU B 13 48.16 19.38 -21.96
C GLU B 13 46.96 18.45 -21.90
N LEU B 14 46.93 17.56 -20.90
CA LEU B 14 45.79 16.67 -20.73
C LEU B 14 44.52 17.46 -20.47
N LEU B 15 44.61 18.50 -19.65
CA LEU B 15 43.43 19.31 -19.33
C LEU B 15 42.91 20.04 -20.57
N THR B 16 43.81 20.58 -21.39
CA THR B 16 43.37 21.23 -22.62
C THR B 16 42.74 20.22 -23.58
N ALA B 17 43.30 19.01 -23.63
CA ALA B 17 42.69 17.96 -24.46
C ALA B 17 41.28 17.63 -23.97
N ILE B 18 41.09 17.58 -22.65
CA ILE B 18 39.76 17.34 -22.11
C ILE B 18 38.81 18.47 -22.48
N ALA B 19 39.28 19.71 -22.36
CA ALA B 19 38.43 20.86 -22.69
C ALA B 19 38.06 20.89 -24.16
N ALA B 20 38.95 20.39 -25.03
CA ALA B 20 38.70 20.42 -26.46
C ALA B 20 37.82 19.27 -26.94
N GLY B 21 37.57 18.28 -26.10
CA GLY B 21 36.88 17.07 -26.54
C GLY B 21 37.70 16.16 -27.40
N ASN B 22 39.03 16.34 -27.40
CA ASN B 22 39.96 15.53 -28.19
C ASN B 22 40.20 14.23 -27.44
N TYR B 23 39.43 13.19 -27.79
CA TYR B 23 39.57 11.92 -27.07
C TYR B 23 40.83 11.17 -27.47
N GLU B 24 41.31 11.34 -28.70
CA GLU B 24 42.50 10.61 -29.13
C GLU B 24 43.73 11.06 -28.33
N LYS B 25 43.92 12.38 -28.22
CA LYS B 25 45.02 12.90 -27.40
C LYS B 25 44.88 12.42 -25.95
N TYR B 26 43.69 12.58 -25.38
CA TYR B 26 43.41 12.15 -24.02
C TYR B 26 43.83 10.70 -23.81
N ALA B 27 43.33 9.79 -24.65
CA ALA B 27 43.65 8.37 -24.50
C ALA B 27 45.14 8.11 -24.71
N THR B 28 45.78 8.84 -25.62
CA THR B 28 47.23 8.70 -25.79
C THR B 28 47.98 9.09 -24.54
N MET B 29 47.40 9.93 -23.68
CA MET B 29 48.09 10.30 -22.45
C MET B 29 47.80 9.37 -21.27
N CYS B 30 46.86 8.44 -21.38
CA CYS B 30 46.41 7.67 -20.23
C CYS B 30 46.73 6.18 -20.38
N ASP B 31 47.16 5.56 -19.28
CA ASP B 31 47.37 4.12 -19.28
C ASP B 31 46.01 3.41 -19.32
N PRO B 32 45.87 2.34 -20.11
CA PRO B 32 44.57 1.66 -20.21
C PRO B 32 44.06 1.11 -18.89
N SER B 33 44.91 0.97 -17.88
CA SER B 33 44.50 0.50 -16.55
C SER B 33 44.27 1.65 -15.58
N MET B 34 43.99 2.84 -16.10
CA MET B 34 43.88 4.03 -15.25
C MET B 34 42.73 3.90 -14.26
N THR B 35 43.00 4.27 -13.01
CA THR B 35 41.99 4.29 -11.96
C THR B 35 41.51 5.71 -11.72
N CYS B 36 40.26 5.82 -11.26
CA CYS B 36 39.60 7.12 -11.23
C CYS B 36 38.54 7.18 -10.14
N PHE B 37 38.65 8.18 -9.27
CA PHE B 37 37.55 8.68 -8.48
C PHE B 37 37.10 10.00 -9.11
N GLU B 38 35.80 10.15 -9.34
CA GLU B 38 35.27 11.41 -9.86
C GLU B 38 33.77 11.45 -9.61
N PRO B 39 33.16 12.64 -9.63
CA PRO B 39 31.73 12.73 -9.33
C PRO B 39 30.86 11.91 -10.27
N GLU B 40 31.22 11.81 -11.55
CA GLU B 40 30.45 11.01 -12.48
C GLU B 40 30.47 9.53 -12.12
N ALA B 41 31.44 9.09 -11.33
CA ALA B 41 31.51 7.72 -10.85
C ALA B 41 30.70 7.48 -9.58
N VAL B 42 29.93 8.48 -9.15
CA VAL B 42 29.04 8.47 -7.99
C VAL B 42 29.56 7.62 -6.84
N GLY B 43 30.79 7.88 -6.40
CA GLY B 43 31.30 7.28 -5.18
C GLY B 43 31.97 5.94 -5.34
N HIS B 44 32.51 5.63 -6.52
CA HIS B 44 33.13 4.34 -6.75
C HIS B 44 34.38 4.51 -7.59
N LEU B 45 35.28 3.54 -7.48
CA LEU B 45 36.54 3.55 -8.23
C LEU B 45 36.34 2.84 -9.56
N VAL B 46 36.51 3.57 -10.65
CA VAL B 46 36.37 3.02 -11.99
C VAL B 46 37.74 2.81 -12.60
N GLU B 47 37.84 1.81 -13.46
CA GLU B 47 39.09 1.43 -14.11
C GLU B 47 38.89 1.43 -15.62
N GLY B 48 39.90 1.87 -16.35
CA GLY B 48 39.86 1.89 -17.80
C GLY B 48 39.49 3.25 -18.36
N LEU B 49 39.34 3.27 -19.69
CA LEU B 49 39.10 4.49 -20.43
C LEU B 49 37.71 4.61 -21.03
N ASP B 50 36.97 3.51 -21.16
CA ASP B 50 35.65 3.56 -21.79
C ASP B 50 34.69 4.46 -21.01
N PHE B 51 34.84 4.51 -19.68
CA PHE B 51 33.98 5.32 -18.84
C PHE B 51 34.07 6.80 -19.21
N HIS B 52 35.24 7.26 -19.65
CA HIS B 52 35.41 8.64 -20.08
C HIS B 52 35.15 8.82 -21.58
N LYS B 53 35.50 7.82 -22.37
CA LYS B 53 35.11 7.82 -23.78
C LYS B 53 33.62 8.03 -23.93
N TYR B 54 32.83 7.54 -22.97
CA TYR B 54 31.40 7.82 -22.97
C TYR B 54 31.14 9.33 -23.02
N TYR B 55 31.79 10.09 -22.15
CA TYR B 55 31.58 11.53 -22.10
C TYR B 55 32.19 12.24 -23.30
N PHE B 56 33.20 11.65 -23.94
CA PHE B 56 33.73 12.27 -25.15
C PHE B 56 32.81 12.05 -26.35
N THR B 57 32.04 10.95 -26.36
CA THR B 57 31.23 10.56 -27.51
C THR B 57 29.74 10.73 -27.25
N MET B 58 29.38 11.77 -26.52
CA MET B 58 27.97 12.00 -26.21
C MET B 58 27.21 12.44 -27.46
N PRO B 59 25.98 11.97 -27.65
CA PRO B 59 25.25 12.30 -28.89
C PRO B 59 24.69 13.72 -28.90
N SER B 60 25.42 14.63 -29.53
CA SER B 60 24.96 16.00 -29.73
C SER B 60 24.81 16.34 -31.21
N ALA B 61 25.89 16.19 -31.99
CA ALA B 61 25.81 16.19 -33.46
C ALA B 61 25.45 17.63 -33.91
N PRO B 62 24.86 17.90 -35.08
CA PRO B 62 24.92 19.29 -35.62
C PRO B 62 24.22 20.30 -34.72
N PRO B 63 24.80 21.51 -34.59
CA PRO B 63 24.07 22.63 -33.99
C PRO B 63 23.84 23.77 -34.97
N ALA B 64 23.08 24.78 -34.58
CA ALA B 64 22.95 25.98 -35.41
C ALA B 64 24.27 26.74 -35.39
N PRO B 65 24.87 27.04 -36.56
CA PRO B 65 26.19 27.67 -36.55
C PRO B 65 26.19 29.04 -35.89
N ASP B 66 25.34 29.95 -36.39
CA ASP B 66 25.11 31.28 -35.81
C ASP B 66 26.46 31.93 -35.53
N ALA B 67 26.67 32.54 -34.36
CA ALA B 67 27.96 33.08 -33.94
C ALA B 67 28.57 32.46 -32.68
N PRO B 68 27.97 31.44 -31.99
CA PRO B 68 28.65 30.92 -30.79
C PRO B 68 29.52 29.71 -31.04
N LYS B 69 30.67 29.66 -30.38
CA LYS B 69 31.61 28.55 -30.42
C LYS B 69 32.04 28.22 -29.00
N PRO B 70 32.59 27.04 -28.76
CA PRO B 70 32.90 26.64 -27.37
C PRO B 70 33.98 27.53 -26.76
N HIS B 71 33.76 27.90 -25.49
CA HIS B 71 34.66 28.81 -24.76
C HIS B 71 34.84 28.25 -23.36
N VAL B 72 35.92 27.47 -23.16
CA VAL B 72 36.19 26.80 -21.90
C VAL B 72 37.68 26.92 -21.61
N LEU B 73 38.03 27.15 -20.34
CA LEU B 73 39.44 27.28 -19.96
C LEU B 73 39.68 26.61 -18.61
N ASN B 74 40.71 25.76 -18.55
CA ASN B 74 41.08 25.07 -17.32
C ASN B 74 42.35 25.68 -16.73
N THR B 75 42.32 25.98 -15.44
CA THR B 75 43.42 26.63 -14.73
C THR B 75 43.80 25.78 -13.52
N MET B 76 45.09 25.53 -13.35
CA MET B 76 45.60 24.76 -12.22
C MET B 76 46.01 25.73 -11.11
N ALA B 77 45.08 26.00 -10.19
CA ALA B 77 45.36 26.87 -9.07
C ALA B 77 46.26 26.18 -8.05
N SER B 78 47.36 26.87 -7.71
CA SER B 78 48.40 26.51 -6.75
C SER B 78 48.85 25.06 -6.90
N PRO B 79 49.49 24.73 -8.02
CA PRO B 79 49.89 23.34 -8.25
C PRO B 79 50.99 22.90 -7.29
N HIS B 80 51.04 21.59 -7.07
CA HIS B 80 52.04 20.97 -6.20
C HIS B 80 52.47 19.67 -6.85
N VAL B 81 53.75 19.54 -7.16
CA VAL B 81 54.31 18.34 -7.76
C VAL B 81 55.21 17.67 -6.75
N ARG B 82 54.97 16.39 -6.51
CA ARG B 82 55.77 15.57 -5.60
C ARG B 82 56.38 14.43 -6.40
N MET B 83 57.71 14.32 -6.35
CA MET B 83 58.42 13.24 -7.01
C MET B 83 58.62 12.10 -6.02
N VAL B 84 58.01 10.96 -6.32
CA VAL B 84 58.17 9.76 -5.50
C VAL B 84 59.01 8.76 -6.30
N GLY B 85 60.34 8.85 -6.15
CA GLY B 85 61.23 8.11 -7.02
C GLY B 85 61.39 8.82 -8.35
N ASP B 86 62.17 8.20 -9.23
CA ASP B 86 62.45 8.79 -10.53
C ASP B 86 61.30 8.65 -11.52
N SER B 87 60.43 7.67 -11.33
CA SER B 87 59.45 7.31 -12.34
C SER B 87 58.01 7.65 -11.96
N CYS B 88 57.80 8.35 -10.85
CA CYS B 88 56.46 8.68 -10.40
C CYS B 88 56.36 10.16 -10.02
N ALA B 89 55.22 10.76 -10.34
CA ALA B 89 54.95 12.15 -9.99
C ALA B 89 53.50 12.30 -9.58
N VAL B 90 53.26 13.07 -8.53
CA VAL B 90 51.91 13.33 -8.02
C VAL B 90 51.65 14.83 -8.16
N VAL B 91 50.66 15.19 -8.97
CA VAL B 91 50.31 16.58 -9.22
C VAL B 91 48.97 16.84 -8.55
N SER B 92 49.00 17.71 -7.53
CA SER B 92 47.81 18.06 -6.77
C SER B 92 47.54 19.54 -6.94
N TYR B 93 46.29 19.89 -7.23
CA TYR B 93 45.96 21.28 -7.52
C TYR B 93 44.46 21.48 -7.38
N ILE B 94 44.03 22.73 -7.56
CA ILE B 94 42.61 23.06 -7.65
C ILE B 94 42.31 23.35 -9.11
N ARG B 95 41.51 22.50 -9.74
CA ARG B 95 41.10 22.72 -11.11
C ARG B 95 39.97 23.75 -11.14
N LEU B 96 40.22 24.87 -11.83
CA LEU B 96 39.25 25.93 -12.04
C LEU B 96 38.85 25.91 -13.51
N THR B 97 37.60 25.55 -13.79
CA THR B 97 37.09 25.44 -15.15
C THR B 97 36.14 26.60 -15.40
N GLN B 98 36.55 27.53 -16.26
CA GLN B 98 35.70 28.62 -16.70
C GLN B 98 34.91 28.17 -17.92
N LYS B 99 33.59 28.16 -17.80
CA LYS B 99 32.71 27.67 -18.84
C LYS B 99 31.54 28.63 -19.02
N MET B 100 30.77 28.40 -20.06
CA MET B 100 29.64 29.24 -20.42
C MET B 100 28.35 28.46 -20.22
N VAL B 101 27.46 28.99 -19.38
CA VAL B 101 26.13 28.43 -19.19
C VAL B 101 25.11 29.55 -19.30
N ASN B 102 24.10 29.34 -20.16
CA ASN B 102 23.05 30.33 -20.39
C ASN B 102 23.63 31.70 -20.74
N GLY B 103 24.66 31.70 -21.58
CA GLY B 103 25.30 32.93 -22.01
C GLY B 103 26.03 33.69 -20.93
N ALA B 104 26.28 33.07 -19.78
CA ALA B 104 26.99 33.72 -18.69
C ALA B 104 28.18 32.87 -18.26
N PRO B 105 29.26 33.51 -17.82
CA PRO B 105 30.43 32.75 -17.37
C PRO B 105 30.25 32.20 -15.98
N VAL B 106 30.82 31.01 -15.76
CA VAL B 106 30.76 30.33 -14.46
C VAL B 106 32.09 29.62 -14.24
N THR B 107 32.59 29.71 -13.00
CA THR B 107 33.86 29.10 -12.60
C THR B 107 33.56 27.90 -11.68
N VAL B 108 33.89 26.70 -12.16
CA VAL B 108 33.73 25.46 -11.41
C VAL B 108 35.06 25.13 -10.76
N GLN B 109 35.01 24.67 -9.51
CA GLN B 109 36.21 24.33 -8.75
C GLN B 109 36.19 22.86 -8.35
N ALA B 110 37.35 22.23 -8.39
CA ALA B 110 37.45 20.84 -7.95
C ALA B 110 38.85 20.56 -7.41
N GLU B 111 38.93 19.76 -6.35
CA GLU B 111 40.22 19.27 -5.87
C GLU B 111 40.67 18.11 -6.76
N GLU B 112 41.88 18.20 -7.31
CA GLU B 112 42.34 17.16 -8.23
C GLU B 112 43.72 16.67 -7.86
N THR B 113 43.85 15.34 -7.76
CA THR B 113 45.12 14.65 -7.60
C THR B 113 45.30 13.72 -8.78
N ARG B 114 46.35 13.94 -9.56
CA ARG B 114 46.64 13.13 -10.73
C ARG B 114 48.04 12.53 -10.61
N VAL B 115 48.13 11.21 -10.79
CA VAL B 115 49.38 10.48 -10.67
C VAL B 115 49.88 10.16 -12.08
N TRP B 116 51.16 10.43 -12.32
CA TRP B 116 51.81 10.20 -13.60
C TRP B 116 52.99 9.26 -13.42
N GLU B 117 53.11 8.30 -14.34
CA GLU B 117 54.20 7.34 -14.34
C GLU B 117 55.08 7.56 -15.57
N LYS B 118 56.40 7.53 -15.37
CA LYS B 118 57.33 7.68 -16.48
C LYS B 118 57.50 6.33 -17.14
N LYS B 119 56.75 6.10 -18.21
CA LYS B 119 56.80 4.85 -18.96
C LYS B 119 57.25 5.14 -20.38
N ASP B 120 58.20 4.34 -20.87
CA ASP B 120 58.65 4.36 -22.25
C ASP B 120 58.96 5.79 -22.72
N GLY B 121 59.84 6.43 -21.97
CA GLY B 121 60.29 7.77 -22.31
C GLY B 121 59.33 8.89 -21.94
N GLY B 122 58.03 8.59 -21.83
CA GLY B 122 57.07 9.65 -21.63
C GLY B 122 56.26 9.54 -20.35
N TRP B 123 55.70 10.66 -19.90
CA TRP B 123 54.81 10.64 -18.74
C TRP B 123 53.42 10.21 -19.17
N ILE B 124 52.81 9.31 -18.41
CA ILE B 124 51.49 8.77 -18.73
C ILE B 124 50.64 8.78 -17.47
N HIS B 125 49.40 9.24 -17.60
CA HIS B 125 48.47 9.34 -16.48
C HIS B 125 47.98 7.96 -16.07
N VAL B 126 47.99 7.68 -14.76
CA VAL B 126 47.62 6.35 -14.29
C VAL B 126 46.47 6.39 -13.29
N HIS B 127 46.37 7.48 -12.52
CA HIS B 127 45.33 7.56 -11.49
C HIS B 127 44.88 9.00 -11.31
N MET B 128 43.57 9.18 -11.13
CA MET B 128 43.00 10.50 -10.87
C MET B 128 42.01 10.44 -9.73
N HIS B 129 42.01 11.48 -8.91
CA HIS B 129 41.03 11.65 -7.83
C HIS B 129 40.48 13.07 -7.95
N ARG B 130 39.20 13.19 -8.27
CA ARG B 130 38.54 14.46 -8.51
C ARG B 130 37.35 14.58 -7.57
N SER B 131 37.32 15.67 -6.81
CA SER B 131 36.26 15.92 -5.84
C SER B 131 35.78 17.36 -5.98
N LEU B 132 34.46 17.54 -6.03
CA LEU B 132 33.90 18.89 -6.16
C LEU B 132 33.89 19.60 -4.81
N VAL B 133 34.17 20.90 -4.85
CA VAL B 133 34.13 21.75 -3.67
C VAL B 133 32.84 22.56 -3.70
N LYS B 134 32.19 22.65 -2.54
CA LYS B 134 30.95 23.42 -2.42
C LYS B 134 31.19 24.90 -2.69
N SER C 2 15.96 -32.69 0.64
CA SER C 2 16.64 -33.17 1.84
C SER C 2 17.90 -32.36 2.10
N ALA C 3 18.75 -32.24 1.07
CA ALA C 3 19.89 -31.32 1.17
C ALA C 3 19.42 -29.88 1.27
N ALA C 4 18.43 -29.51 0.44
CA ALA C 4 17.83 -28.18 0.55
C ALA C 4 17.26 -27.95 1.95
N ALA C 5 16.69 -29.00 2.55
CA ALA C 5 16.21 -28.89 3.92
C ALA C 5 17.34 -28.59 4.88
N GLU C 6 18.49 -29.23 4.69
CA GLU C 6 19.66 -28.96 5.52
C GLU C 6 20.09 -27.50 5.40
N VAL C 7 20.23 -27.01 4.17
CA VAL C 7 20.70 -25.64 3.97
C VAL C 7 19.69 -24.65 4.54
N LEU C 8 18.40 -24.93 4.37
CA LEU C 8 17.37 -24.06 4.92
C LEU C 8 17.44 -24.02 6.45
N ALA C 9 17.62 -25.19 7.08
CA ALA C 9 17.77 -25.22 8.52
C ALA C 9 18.99 -24.44 8.97
N ARG C 10 20.10 -24.56 8.25
CA ARG C 10 21.31 -23.82 8.60
C ARG C 10 21.08 -22.31 8.46
N ASN C 11 20.38 -21.89 7.42
CA ASN C 11 20.10 -20.47 7.25
C ASN C 11 19.22 -19.94 8.37
N GLN C 12 18.20 -20.70 8.75
CA GLN C 12 17.35 -20.28 9.87
C GLN C 12 18.15 -20.23 11.16
N GLU C 13 19.07 -21.18 11.35
CA GLU C 13 19.94 -21.15 12.53
C GLU C 13 20.82 -19.90 12.53
N LEU C 14 21.32 -19.52 11.37
CA LEU C 14 22.13 -18.30 11.25
C LEU C 14 21.31 -17.08 11.63
N LEU C 15 20.08 -16.99 11.11
CA LEU C 15 19.22 -15.86 11.45
C LEU C 15 18.91 -15.82 12.94
N THR C 16 18.70 -16.99 13.55
CA THR C 16 18.47 -17.05 14.98
C THR C 16 19.70 -16.56 15.75
N ALA C 17 20.89 -16.96 15.30
CA ALA C 17 22.11 -16.49 15.94
C ALA C 17 22.22 -14.97 15.85
N ILE C 18 21.91 -14.40 14.68
CA ILE C 18 21.93 -12.95 14.52
C ILE C 18 20.95 -12.30 15.50
N ALA C 19 19.73 -12.85 15.58
CA ALA C 19 18.73 -12.29 16.49
C ALA C 19 19.17 -12.37 17.94
N ALA C 20 19.93 -13.40 18.30
CA ALA C 20 20.35 -13.62 19.69
C ALA C 20 21.59 -12.84 20.08
N GLY C 21 22.26 -12.17 19.14
CA GLY C 21 23.52 -11.53 19.46
C GLY C 21 24.66 -12.49 19.69
N ASN C 22 24.51 -13.76 19.31
CA ASN C 22 25.53 -14.78 19.48
C ASN C 22 26.53 -14.67 18.34
N TYR C 23 27.53 -13.81 18.51
CA TYR C 23 28.50 -13.62 17.42
C TYR C 23 29.33 -14.86 17.19
N GLU C 24 29.58 -15.66 18.23
CA GLU C 24 30.47 -16.81 18.07
C GLU C 24 29.89 -17.83 17.10
N LYS C 25 28.61 -18.20 17.30
CA LYS C 25 27.97 -19.13 16.38
C LYS C 25 27.90 -18.55 14.98
N TYR C 26 27.49 -17.29 14.86
CA TYR C 26 27.43 -16.62 13.57
C TYR C 26 28.77 -16.72 12.83
N ALA C 27 29.86 -16.37 13.50
CA ALA C 27 31.17 -16.37 12.85
C ALA C 27 31.62 -17.77 12.51
N THR C 28 31.31 -18.75 13.37
CA THR C 28 31.67 -20.13 13.04
C THR C 28 30.86 -20.68 11.88
N MET C 29 29.72 -20.07 11.57
CA MET C 29 28.91 -20.51 10.44
C MET C 29 29.28 -19.83 9.13
N CYS C 30 30.13 -18.82 9.14
CA CYS C 30 30.46 -18.05 7.95
C CYS C 30 31.88 -18.31 7.50
N ASP C 31 32.09 -18.31 6.18
CA ASP C 31 33.44 -18.30 5.65
C ASP C 31 34.10 -16.96 5.98
N PRO C 32 35.35 -16.97 6.46
CA PRO C 32 35.99 -15.70 6.83
C PRO C 32 36.13 -14.71 5.69
N SER C 33 36.10 -15.18 4.44
CA SER C 33 36.21 -14.31 3.27
C SER C 33 34.84 -14.00 2.66
N MET C 34 33.77 -14.14 3.41
CA MET C 34 32.43 -13.96 2.85
C MET C 34 32.25 -12.52 2.39
N THR C 35 31.46 -12.35 1.33
CA THR C 35 31.16 -11.04 0.78
C THR C 35 29.72 -10.66 1.10
N CYS C 36 29.47 -9.35 1.10
CA CYS C 36 28.20 -8.85 1.61
C CYS C 36 27.82 -7.54 0.95
N PHE C 37 26.60 -7.49 0.41
CA PHE C 37 25.89 -6.25 0.15
C PHE C 37 24.81 -6.10 1.19
N GLU C 38 24.72 -4.93 1.82
CA GLU C 38 23.66 -4.69 2.80
C GLU C 38 23.55 -3.19 3.03
N PRO C 39 22.41 -2.71 3.55
CA PRO C 39 22.25 -1.26 3.75
C PRO C 39 23.32 -0.63 4.62
N GLU C 40 23.74 -1.33 5.68
CA GLU C 40 24.79 -0.81 6.54
C GLU C 40 26.10 -0.60 5.80
N ALA C 41 26.32 -1.32 4.70
CA ALA C 41 27.50 -1.14 3.87
C ALA C 41 27.37 0.04 2.91
N VAL C 42 26.28 0.81 3.03
CA VAL C 42 25.95 2.01 2.24
C VAL C 42 26.44 1.91 0.79
N GLY C 43 25.98 0.88 0.09
CA GLY C 43 26.20 0.80 -1.35
C GLY C 43 27.56 0.30 -1.78
N HIS C 44 28.23 -0.50 -0.95
CA HIS C 44 29.54 -1.05 -1.30
C HIS C 44 29.58 -2.52 -0.91
N LEU C 45 30.52 -3.23 -1.50
CA LEU C 45 30.73 -4.64 -1.21
C LEU C 45 31.81 -4.79 -0.14
N VAL C 46 31.44 -5.34 1.00
CA VAL C 46 32.38 -5.55 2.09
C VAL C 46 32.77 -7.02 2.14
N GLU C 47 33.95 -7.28 2.68
CA GLU C 47 34.49 -8.63 2.79
C GLU C 47 34.96 -8.87 4.22
N GLY C 48 34.74 -10.09 4.71
CA GLY C 48 35.16 -10.46 6.04
C GLY C 48 34.04 -10.35 7.06
N LEU C 49 34.41 -10.66 8.31
CA LEU C 49 33.46 -10.73 9.41
C LEU C 49 33.55 -9.57 10.38
N ASP C 50 34.63 -8.79 10.37
CA ASP C 50 34.79 -7.71 11.34
C ASP C 50 33.71 -6.65 11.15
N PHE C 51 33.37 -6.33 9.90
CA PHE C 51 32.32 -5.36 9.62
C PHE C 51 31.02 -5.74 10.30
N HIS C 52 30.70 -7.04 10.33
CA HIS C 52 29.50 -7.50 11.01
C HIS C 52 29.74 -7.68 12.51
N LYS C 53 30.96 -8.07 12.90
CA LYS C 53 31.28 -8.18 14.32
C LYS C 53 31.08 -6.84 15.03
N TYR C 54 31.22 -5.74 14.29
CA TYR C 54 31.01 -4.41 14.88
C TYR C 54 29.64 -4.32 15.53
N TYR C 55 28.61 -4.90 14.92
CA TYR C 55 27.26 -4.75 15.43
C TYR C 55 26.96 -5.66 16.62
N PHE C 56 27.71 -6.75 16.77
CA PHE C 56 27.57 -7.59 17.95
C PHE C 56 28.26 -7.01 19.18
N THR C 57 29.25 -6.14 18.98
CA THR C 57 30.10 -5.65 20.06
C THR C 57 29.88 -4.18 20.36
N MET C 58 28.64 -3.71 20.24
CA MET C 58 28.34 -2.32 20.52
C MET C 58 28.41 -2.05 22.02
N PRO C 59 28.69 -0.79 22.41
CA PRO C 59 28.68 -0.45 23.84
C PRO C 59 27.29 -0.60 24.44
N SER C 60 27.12 -1.60 25.30
CA SER C 60 25.81 -1.94 25.82
C SER C 60 25.31 -0.88 26.79
N ALA C 61 24.02 -0.58 26.69
CA ALA C 61 23.35 0.35 27.59
C ALA C 61 22.96 -0.36 28.88
N PRO C 62 22.81 0.37 29.99
CA PRO C 62 22.50 -0.27 31.27
C PRO C 62 21.08 -0.81 31.29
N PRO C 63 20.90 -2.05 31.74
CA PRO C 63 19.54 -2.61 31.85
C PRO C 63 18.73 -1.89 32.91
N ALA C 64 17.51 -1.50 32.54
CA ALA C 64 16.53 -0.94 33.46
C ALA C 64 15.27 -1.79 33.37
N PRO C 65 15.06 -2.74 34.31
CA PRO C 65 14.02 -3.77 34.13
C PRO C 65 12.65 -3.27 33.71
N ASP C 66 12.52 -2.88 32.44
CA ASP C 66 11.25 -2.62 31.79
C ASP C 66 10.95 -3.64 30.70
N ALA C 67 11.93 -3.93 29.86
CA ALA C 67 11.85 -4.99 28.86
C ALA C 67 13.11 -5.84 28.98
N PRO C 68 13.16 -6.73 29.98
CA PRO C 68 14.41 -7.48 30.24
C PRO C 68 14.84 -8.38 29.09
N LYS C 69 13.89 -8.98 28.37
CA LYS C 69 14.23 -9.89 27.29
C LYS C 69 13.83 -9.28 25.95
N PRO C 70 14.73 -9.24 24.97
CA PRO C 70 14.36 -8.71 23.65
C PRO C 70 13.43 -9.68 22.93
N HIS C 71 12.37 -9.13 22.34
CA HIS C 71 11.35 -9.92 21.66
C HIS C 71 11.52 -9.69 20.15
N VAL C 72 12.33 -10.54 19.52
CA VAL C 72 12.67 -10.42 18.11
C VAL C 72 12.59 -11.80 17.48
N LEU C 73 11.99 -11.87 16.28
CA LEU C 73 11.87 -13.15 15.58
C LEU C 73 12.08 -12.94 14.08
N ASN C 74 12.92 -13.77 13.48
CA ASN C 74 13.17 -13.72 12.05
C ASN C 74 12.44 -14.86 11.35
N THR C 75 11.76 -14.54 10.25
CA THR C 75 10.98 -15.49 9.48
C THR C 75 11.43 -15.46 8.04
N MET C 76 11.63 -16.64 7.45
CA MET C 76 12.02 -16.75 6.04
C MET C 76 10.77 -16.94 5.21
N ALA C 77 10.19 -15.82 4.74
CA ALA C 77 9.00 -15.88 3.92
C ALA C 77 9.34 -16.36 2.51
N SER C 78 8.63 -17.40 2.07
CA SER C 78 8.70 -18.05 0.77
C SER C 78 10.14 -18.33 0.37
N PRO C 79 10.83 -19.24 1.06
CA PRO C 79 12.22 -19.54 0.70
C PRO C 79 12.30 -20.27 -0.63
N HIS C 80 13.47 -20.15 -1.26
CA HIS C 80 13.76 -20.80 -2.53
C HIS C 80 15.22 -21.24 -2.51
N VAL C 81 15.44 -22.54 -2.62
CA VAL C 81 16.78 -23.13 -2.62
C VAL C 81 17.10 -23.58 -4.03
N ARG C 82 18.30 -23.25 -4.50
CA ARG C 82 18.79 -23.68 -5.80
C ARG C 82 20.15 -24.34 -5.64
N MET C 83 20.27 -25.57 -6.14
CA MET C 83 21.54 -26.30 -6.11
C MET C 83 22.31 -26.01 -7.39
N VAL C 84 23.44 -25.31 -7.25
CA VAL C 84 24.28 -24.98 -8.39
C VAL C 84 25.55 -25.80 -8.32
N GLY C 85 25.51 -27.01 -8.87
CA GLY C 85 26.61 -27.92 -8.73
C GLY C 85 26.51 -28.70 -7.43
N ASP C 86 27.57 -29.48 -7.17
CA ASP C 86 27.56 -30.37 -6.02
C ASP C 86 27.70 -29.62 -4.70
N SER C 87 28.37 -28.46 -4.71
CA SER C 87 28.84 -27.84 -3.48
C SER C 87 28.34 -26.42 -3.28
N CYS C 88 27.32 -25.99 -4.02
CA CYS C 88 26.79 -24.64 -3.85
C CYS C 88 25.28 -24.66 -3.73
N ALA C 89 24.76 -23.81 -2.84
CA ALA C 89 23.33 -23.61 -2.67
C ALA C 89 23.03 -22.13 -2.57
N VAL C 90 22.01 -21.67 -3.27
CA VAL C 90 21.57 -20.29 -3.22
C VAL C 90 20.20 -20.26 -2.56
N VAL C 91 20.09 -19.57 -1.43
CA VAL C 91 18.86 -19.49 -0.65
C VAL C 91 18.35 -18.06 -0.77
N SER C 92 17.23 -17.88 -1.46
CA SER C 92 16.61 -16.57 -1.65
C SER C 92 15.28 -16.55 -0.93
N TYR C 93 14.99 -15.44 -0.25
CA TYR C 93 13.78 -15.36 0.55
C TYR C 93 13.51 -13.92 0.92
N ILE C 94 12.38 -13.69 1.59
CA ILE C 94 12.07 -12.40 2.19
C ILE C 94 12.24 -12.56 3.69
N ARG C 95 13.23 -11.87 4.26
CA ARG C 95 13.43 -11.89 5.70
C ARG C 95 12.44 -10.94 6.36
N LEU C 96 11.58 -11.48 7.21
CA LEU C 96 10.62 -10.71 8.00
C LEU C 96 11.10 -10.71 9.45
N THR C 97 11.51 -9.56 9.95
CA THR C 97 11.95 -9.39 11.32
C THR C 97 10.83 -8.74 12.12
N GLN C 98 10.29 -9.48 13.09
CA GLN C 98 9.31 -8.94 14.02
C GLN C 98 10.05 -8.44 15.25
N LYS C 99 9.98 -7.13 15.49
CA LYS C 99 10.65 -6.51 16.62
C LYS C 99 9.68 -5.59 17.34
N MET C 100 10.07 -5.17 18.54
CA MET C 100 9.26 -4.28 19.36
C MET C 100 9.86 -2.88 19.32
N VAL C 101 9.04 -1.90 18.95
CA VAL C 101 9.45 -0.51 18.92
C VAL C 101 8.43 0.28 19.73
N ASN C 102 8.90 0.97 20.78
CA ASN C 102 8.08 1.85 21.60
C ASN C 102 6.81 1.14 22.10
N GLY C 103 7.01 -0.07 22.61
CA GLY C 103 5.89 -0.85 23.14
C GLY C 103 4.90 -1.36 22.12
N ALA C 104 5.17 -1.21 20.83
CA ALA C 104 4.28 -1.75 19.81
C ALA C 104 5.08 -2.59 18.83
N PRO C 105 4.52 -3.69 18.31
CA PRO C 105 5.28 -4.53 17.39
C PRO C 105 5.32 -3.94 15.99
N VAL C 106 6.41 -4.24 15.28
CA VAL C 106 6.58 -3.83 13.89
C VAL C 106 7.29 -4.93 13.13
N THR C 107 6.96 -5.05 11.85
CA THR C 107 7.49 -6.07 10.96
C THR C 107 8.32 -5.40 9.88
N VAL C 108 9.61 -5.68 9.86
CA VAL C 108 10.55 -5.16 8.87
C VAL C 108 10.80 -6.25 7.83
N GLN C 109 10.91 -5.85 6.57
CA GLN C 109 11.07 -6.80 5.47
C GLN C 109 12.28 -6.46 4.63
N ALA C 110 13.02 -7.49 4.22
CA ALA C 110 14.19 -7.29 3.37
C ALA C 110 14.34 -8.46 2.41
N GLU C 111 14.78 -8.17 1.18
CA GLU C 111 15.11 -9.22 0.23
C GLU C 111 16.47 -9.79 0.57
N GLU C 112 16.56 -11.10 0.76
CA GLU C 112 17.83 -11.71 1.15
C GLU C 112 18.20 -12.85 0.20
N THR C 113 19.44 -12.79 -0.29
CA THR C 113 20.06 -13.86 -1.06
C THR C 113 21.33 -14.29 -0.34
N ARG C 114 21.35 -15.53 0.14
CA ARG C 114 22.50 -16.05 0.87
C ARG C 114 23.04 -17.29 0.17
N VAL C 115 24.34 -17.29 -0.11
CA VAL C 115 24.99 -18.39 -0.80
C VAL C 115 25.74 -19.23 0.23
N TRP C 116 25.59 -20.54 0.14
CA TRP C 116 26.22 -21.50 1.04
C TRP C 116 27.07 -22.47 0.23
N GLU C 117 28.23 -22.81 0.79
CA GLU C 117 29.13 -23.77 0.21
C GLU C 117 29.20 -25.01 1.10
N LYS C 118 29.15 -26.18 0.48
CA LYS C 118 29.27 -27.44 1.19
C LYS C 118 30.76 -27.79 1.29
N LYS C 119 31.32 -27.67 2.48
CA LYS C 119 32.67 -28.14 2.77
C LYS C 119 32.57 -29.33 3.70
N ASP C 120 33.38 -30.36 3.42
CA ASP C 120 33.20 -31.71 3.95
C ASP C 120 31.72 -32.09 3.95
N GLY C 121 31.11 -32.22 5.14
CA GLY C 121 29.71 -32.58 5.22
C GLY C 121 28.84 -31.50 5.83
N GLY C 122 29.34 -30.27 5.89
CA GLY C 122 28.60 -29.15 6.44
C GLY C 122 28.50 -28.00 5.46
N TRP C 123 27.66 -27.04 5.80
CA TRP C 123 27.40 -25.86 4.97
C TRP C 123 27.90 -24.61 5.68
N ILE C 124 28.61 -23.75 4.94
CA ILE C 124 29.08 -22.48 5.48
C ILE C 124 28.64 -21.35 4.56
N HIS C 125 28.50 -20.16 5.14
CA HIS C 125 27.97 -18.99 4.46
C HIS C 125 29.09 -18.23 3.77
N VAL C 126 28.91 -17.92 2.48
CA VAL C 126 30.00 -17.33 1.70
C VAL C 126 29.63 -15.95 1.15
N HIS C 127 28.35 -15.71 0.89
CA HIS C 127 27.95 -14.44 0.28
C HIS C 127 26.52 -14.11 0.66
N MET C 128 26.28 -12.83 0.99
CA MET C 128 24.94 -12.36 1.31
C MET C 128 24.65 -11.06 0.58
N HIS C 129 23.39 -10.90 0.21
CA HIS C 129 22.91 -9.69 -0.46
C HIS C 129 21.56 -9.33 0.15
N ARG C 130 21.51 -8.18 0.83
CA ARG C 130 20.31 -7.68 1.47
C ARG C 130 19.90 -6.37 0.81
N SER C 131 18.58 -6.18 0.68
CA SER C 131 18.03 -4.92 0.19
C SER C 131 16.75 -4.65 0.96
N LEU C 132 16.67 -3.49 1.59
CA LEU C 132 15.46 -3.11 2.29
C LEU C 132 14.31 -2.94 1.30
N VAL C 133 13.13 -3.40 1.69
CA VAL C 133 11.94 -3.34 0.84
C VAL C 133 11.11 -2.16 1.31
N LYS C 134 11.21 -1.06 0.58
CA LYS C 134 10.32 0.11 0.68
C LYS C 134 10.86 1.22 -0.20
N MET D 1 42.14 -17.61 -19.74
CA MET D 1 43.22 -17.78 -18.77
C MET D 1 42.71 -18.39 -17.47
N SER D 2 41.54 -17.94 -17.03
CA SER D 2 40.97 -18.37 -15.76
C SER D 2 39.47 -18.56 -15.93
N ALA D 3 38.89 -19.44 -15.12
CA ALA D 3 37.44 -19.64 -15.14
C ALA D 3 36.72 -18.41 -14.64
N ALA D 4 37.21 -17.81 -13.54
CA ALA D 4 36.59 -16.59 -13.01
C ALA D 4 36.65 -15.46 -14.03
N ALA D 5 37.77 -15.34 -14.75
CA ALA D 5 37.87 -14.33 -15.80
C ALA D 5 36.83 -14.58 -16.89
N GLU D 6 36.60 -15.85 -17.23
CA GLU D 6 35.60 -16.17 -18.24
C GLU D 6 34.20 -15.81 -17.77
N VAL D 7 33.88 -16.10 -16.51
CA VAL D 7 32.56 -15.76 -15.99
C VAL D 7 32.37 -14.25 -15.95
N LEU D 8 33.42 -13.51 -15.60
CA LEU D 8 33.35 -12.06 -15.63
C LEU D 8 33.09 -11.54 -17.04
N ALA D 9 33.79 -12.12 -18.02
CA ALA D 9 33.56 -11.75 -19.42
C ALA D 9 32.12 -12.03 -19.84
N ARG D 10 31.58 -13.18 -19.42
CA ARG D 10 30.19 -13.50 -19.72
C ARG D 10 29.23 -12.51 -19.09
N ASN D 11 29.53 -12.07 -17.86
CA ASN D 11 28.67 -11.09 -17.21
C ASN D 11 28.71 -9.76 -17.97
N GLN D 12 29.88 -9.35 -18.45
CA GLN D 12 29.95 -8.14 -19.26
C GLN D 12 29.18 -8.30 -20.57
N GLU D 13 29.25 -9.50 -21.17
CA GLU D 13 28.44 -9.78 -22.36
C GLU D 13 26.96 -9.60 -22.07
N LEU D 14 26.50 -10.15 -20.95
CA LEU D 14 25.10 -10.04 -20.58
C LEU D 14 24.70 -8.59 -20.39
N LEU D 15 25.54 -7.80 -19.72
CA LEU D 15 25.23 -6.39 -19.49
C LEU D 15 25.16 -5.61 -20.81
N THR D 16 26.10 -5.88 -21.72
CA THR D 16 26.05 -5.19 -23.02
C THR D 16 24.83 -5.60 -23.82
N ALA D 17 24.44 -6.87 -23.74
CA ALA D 17 23.22 -7.32 -24.40
C ALA D 17 21.99 -6.63 -23.82
N ILE D 18 21.98 -6.42 -22.51
CA ILE D 18 20.88 -5.69 -21.88
C ILE D 18 20.84 -4.25 -22.39
N ALA D 19 22.00 -3.61 -22.43
CA ALA D 19 22.06 -2.22 -22.89
C ALA D 19 21.61 -2.09 -24.33
N ALA D 20 21.91 -3.07 -25.17
CA ALA D 20 21.55 -3.01 -26.58
C ALA D 20 20.10 -3.39 -26.87
N GLY D 21 19.37 -3.89 -25.88
CA GLY D 21 18.01 -4.34 -26.09
C GLY D 21 17.88 -5.65 -26.83
N ASN D 22 18.97 -6.40 -26.98
CA ASN D 22 18.97 -7.69 -27.68
C ASN D 22 18.43 -8.75 -26.73
N TYR D 23 17.11 -9.00 -26.80
CA TYR D 23 16.52 -9.98 -25.90
C TYR D 23 16.91 -11.40 -26.26
N GLU D 24 17.15 -11.68 -27.55
CA GLU D 24 17.48 -13.05 -27.94
C GLU D 24 18.81 -13.49 -27.32
N LYS D 25 19.82 -12.62 -27.39
CA LYS D 25 21.10 -12.91 -26.74
C LYS D 25 20.91 -13.08 -25.23
N TYR D 26 20.16 -12.15 -24.62
CA TYR D 26 19.87 -12.22 -23.19
C TYR D 26 19.30 -13.57 -22.80
N ALA D 27 18.27 -14.02 -23.52
CA ALA D 27 17.67 -15.31 -23.22
C ALA D 27 18.63 -16.46 -23.49
N THR D 28 19.49 -16.33 -24.50
CA THR D 28 20.50 -17.35 -24.76
C THR D 28 21.45 -17.51 -23.57
N MET D 29 21.69 -16.42 -22.84
CA MET D 29 22.61 -16.46 -21.72
C MET D 29 21.95 -16.80 -20.38
N CYS D 30 20.63 -16.91 -20.33
CA CYS D 30 19.92 -17.08 -19.06
C CYS D 30 19.22 -18.42 -19.01
N ASP D 31 19.18 -19.01 -17.81
CA ASP D 31 18.43 -20.24 -17.61
C ASP D 31 16.93 -19.93 -17.58
N PRO D 32 16.10 -20.78 -18.18
CA PRO D 32 14.65 -20.54 -18.16
C PRO D 32 14.06 -20.48 -16.75
N SER D 33 14.74 -21.05 -15.75
CA SER D 33 14.26 -21.03 -14.37
C SER D 33 14.95 -19.95 -13.54
N MET D 34 15.50 -18.93 -14.20
CA MET D 34 16.28 -17.91 -13.50
C MET D 34 15.43 -17.19 -12.45
N THR D 35 16.00 -17.03 -11.25
CA THR D 35 15.36 -16.29 -10.19
C THR D 35 15.94 -14.88 -10.09
N CYS D 36 15.14 -13.96 -9.56
CA CYS D 36 15.50 -12.56 -9.61
C CYS D 36 14.89 -11.79 -8.45
N PHE D 37 15.74 -11.00 -7.78
CA PHE D 37 15.31 -9.85 -6.99
C PHE D 37 15.71 -8.61 -7.78
N GLU D 38 14.77 -7.68 -7.95
CA GLU D 38 15.08 -6.41 -8.59
C GLU D 38 13.97 -5.41 -8.25
N PRO D 39 14.24 -4.10 -8.39
CA PRO D 39 13.22 -3.12 -8.02
C PRO D 39 11.90 -3.26 -8.76
N GLU D 40 11.96 -3.65 -10.04
CA GLU D 40 10.72 -3.84 -10.80
C GLU D 40 9.86 -4.95 -10.21
N ALA D 41 10.44 -5.88 -9.47
CA ALA D 41 9.69 -6.96 -8.82
C ALA D 41 9.05 -6.51 -7.51
N VAL D 42 9.11 -5.22 -7.19
CA VAL D 42 8.53 -4.58 -6.02
C VAL D 42 8.58 -5.47 -4.78
N GLY D 43 9.77 -5.94 -4.42
CA GLY D 43 9.95 -6.63 -3.15
C GLY D 43 9.57 -8.10 -3.15
N HIS D 44 9.67 -8.78 -4.28
CA HIS D 44 9.35 -10.19 -4.35
C HIS D 44 10.35 -10.90 -5.25
N LEU D 45 10.41 -12.21 -5.11
CA LEU D 45 11.30 -13.06 -5.91
C LEU D 45 10.53 -13.58 -7.11
N VAL D 46 10.96 -13.21 -8.31
CA VAL D 46 10.30 -13.64 -9.53
C VAL D 46 11.13 -14.74 -10.18
N GLU D 47 10.45 -15.62 -10.92
CA GLU D 47 11.08 -16.75 -11.58
C GLU D 47 10.67 -16.76 -13.04
N GLY D 48 11.59 -17.13 -13.92
CA GLY D 48 11.33 -17.19 -15.34
C GLY D 48 11.92 -16.00 -16.09
N LEU D 49 11.76 -16.06 -17.41
CA LEU D 49 12.27 -15.03 -18.30
C LEU D 49 11.19 -14.08 -18.81
N ASP D 50 9.91 -14.45 -18.69
CA ASP D 50 8.85 -13.59 -19.21
C ASP D 50 8.82 -12.24 -18.51
N PHE D 51 9.07 -12.23 -17.19
CA PHE D 51 9.08 -10.98 -16.44
C PHE D 51 10.09 -10.01 -17.01
N HIS D 52 11.27 -10.51 -17.42
CA HIS D 52 12.26 -9.63 -18.03
C HIS D 52 11.97 -9.39 -19.50
N LYS D 53 11.41 -10.38 -20.20
CA LYS D 53 11.01 -10.18 -21.59
C LYS D 53 10.02 -9.04 -21.72
N TYR D 54 9.22 -8.79 -20.68
CA TYR D 54 8.26 -7.68 -20.69
C TYR D 54 8.95 -6.36 -21.02
N TYR D 55 10.08 -6.08 -20.38
CA TYR D 55 10.73 -4.79 -20.55
C TYR D 55 11.51 -4.68 -21.85
N PHE D 56 11.76 -5.79 -22.55
CA PHE D 56 12.37 -5.73 -23.87
C PHE D 56 11.35 -5.53 -24.98
N THR D 57 10.07 -5.82 -24.72
CA THR D 57 9.03 -5.78 -25.74
C THR D 57 8.05 -4.62 -25.54
N MET D 58 8.43 -3.61 -24.77
CA MET D 58 7.54 -2.48 -24.53
C MET D 58 7.30 -1.73 -25.85
N PRO D 59 6.08 -1.29 -26.11
CA PRO D 59 5.81 -0.51 -27.33
C PRO D 59 6.42 0.87 -27.22
N SER D 60 6.91 1.37 -28.37
CA SER D 60 7.65 2.62 -28.41
C SER D 60 7.08 3.55 -29.46
N ALA D 61 7.25 4.85 -29.23
CA ALA D 61 6.90 5.87 -30.20
C ALA D 61 7.75 5.69 -31.46
N PRO D 62 7.31 6.25 -32.60
CA PRO D 62 8.04 6.02 -33.86
C PRO D 62 9.50 6.38 -33.75
N PRO D 63 10.39 5.48 -34.19
CA PRO D 63 11.82 5.72 -34.01
C PRO D 63 12.36 6.80 -34.95
N ALA D 64 13.50 7.35 -34.55
CA ALA D 64 14.25 8.39 -35.24
C ALA D 64 13.46 9.67 -35.53
N PRO D 65 12.78 10.28 -34.54
CA PRO D 65 12.26 11.64 -34.78
C PRO D 65 13.33 12.67 -34.39
N ASP D 66 14.25 12.90 -35.33
CA ASP D 66 15.50 13.64 -35.11
C ASP D 66 16.08 13.36 -33.73
N ALA D 67 16.19 12.06 -33.41
CA ALA D 67 16.74 11.60 -32.15
C ALA D 67 17.99 10.76 -32.40
N PRO D 68 18.98 10.84 -31.53
CA PRO D 68 20.23 10.09 -31.74
C PRO D 68 20.10 8.63 -31.34
N LYS D 69 21.08 7.85 -31.76
CA LYS D 69 21.16 6.45 -31.38
C LYS D 69 21.38 6.31 -29.88
N PRO D 70 20.92 5.21 -29.28
CA PRO D 70 21.03 5.08 -27.82
C PRO D 70 22.48 5.03 -27.36
N HIS D 71 22.80 5.86 -26.37
CA HIS D 71 24.14 6.00 -25.82
C HIS D 71 24.10 5.53 -24.37
N VAL D 72 24.39 4.24 -24.16
CA VAL D 72 24.29 3.61 -22.85
C VAL D 72 25.54 2.76 -22.62
N LEU D 73 26.09 2.81 -21.40
CA LEU D 73 27.29 2.03 -21.08
C LEU D 73 27.20 1.51 -19.65
N ASN D 74 27.31 0.20 -19.49
CA ASN D 74 27.33 -0.43 -18.18
C ASN D 74 28.77 -0.76 -17.79
N THR D 75 29.12 -0.43 -16.55
CA THR D 75 30.46 -0.67 -16.01
C THR D 75 30.34 -1.42 -14.69
N MET D 76 31.14 -2.48 -14.54
CA MET D 76 31.16 -3.28 -13.31
C MET D 76 32.25 -2.71 -12.40
N ALA D 77 31.86 -1.83 -11.49
CA ALA D 77 32.78 -1.26 -10.51
C ALA D 77 33.15 -2.29 -9.46
N SER D 78 34.46 -2.48 -9.28
CA SER D 78 35.12 -3.38 -8.34
C SER D 78 34.50 -4.77 -8.38
N PRO D 79 34.69 -5.51 -9.48
CA PRO D 79 34.07 -6.84 -9.57
C PRO D 79 34.73 -7.82 -8.62
N HIS D 80 33.92 -8.76 -8.13
CA HIS D 80 34.37 -9.83 -7.25
C HIS D 80 33.75 -11.12 -7.72
N VAL D 81 34.58 -12.06 -8.17
CA VAL D 81 34.13 -13.36 -8.63
C VAL D 81 34.50 -14.40 -7.58
N ARG D 82 33.53 -15.20 -7.17
CA ARG D 82 33.73 -16.27 -6.19
C ARG D 82 33.32 -17.58 -6.81
N MET D 83 34.26 -18.51 -6.92
CA MET D 83 33.96 -19.85 -7.39
C MET D 83 33.49 -20.69 -6.22
N VAL D 84 32.32 -21.30 -6.37
CA VAL D 84 31.81 -22.21 -5.34
C VAL D 84 31.68 -23.60 -5.96
N GLY D 85 32.77 -24.35 -5.99
CA GLY D 85 32.78 -25.63 -6.66
C GLY D 85 33.20 -25.50 -8.12
N ASP D 86 33.01 -26.60 -8.84
CA ASP D 86 33.42 -26.65 -10.24
C ASP D 86 32.52 -25.80 -11.13
N SER D 87 31.21 -25.80 -10.86
CA SER D 87 30.23 -25.34 -11.83
C SER D 87 29.42 -24.14 -11.36
N CYS D 88 29.90 -23.41 -10.35
CA CYS D 88 29.16 -22.26 -9.84
C CYS D 88 30.09 -21.06 -9.68
N ALA D 89 29.57 -19.89 -10.06
CA ALA D 89 30.32 -18.64 -9.90
C ALA D 89 29.36 -17.54 -9.46
N VAL D 90 29.82 -16.72 -8.52
CA VAL D 90 29.05 -15.59 -8.01
C VAL D 90 29.82 -14.31 -8.35
N VAL D 91 29.22 -13.47 -9.20
CA VAL D 91 29.84 -12.23 -9.63
C VAL D 91 29.11 -11.09 -8.93
N SER D 92 29.79 -10.42 -8.01
CA SER D 92 29.21 -9.32 -7.24
C SER D 92 29.95 -8.04 -7.60
N TYR D 93 29.20 -6.96 -7.82
CA TYR D 93 29.81 -5.72 -8.28
C TYR D 93 28.83 -4.57 -8.10
N ILE D 94 29.29 -3.36 -8.42
CA ILE D 94 28.43 -2.19 -8.47
C ILE D 94 28.21 -1.86 -9.94
N ARG D 95 27.00 -2.05 -10.42
CA ARG D 95 26.65 -1.70 -11.79
C ARG D 95 26.47 -0.19 -11.89
N LEU D 96 27.32 0.45 -12.69
CA LEU D 96 27.22 1.88 -13.00
C LEU D 96 26.75 1.99 -14.44
N THR D 97 25.54 2.51 -14.63
CA THR D 97 24.96 2.66 -15.96
C THR D 97 24.98 4.13 -16.33
N GLN D 98 25.76 4.47 -17.35
CA GLN D 98 25.77 5.80 -17.92
C GLN D 98 24.74 5.84 -19.05
N LYS D 99 23.71 6.67 -18.88
CA LYS D 99 22.67 6.82 -19.88
C LYS D 99 22.41 8.31 -20.09
N MET D 100 21.54 8.61 -21.06
CA MET D 100 21.20 9.98 -21.41
C MET D 100 19.76 10.26 -20.98
N VAL D 101 19.58 11.29 -20.17
CA VAL D 101 18.25 11.78 -19.80
C VAL D 101 18.16 13.21 -20.29
N ASN D 102 17.11 13.49 -21.07
CA ASN D 102 17.01 14.75 -21.81
C ASN D 102 18.27 14.95 -22.63
N GLY D 103 19.00 16.03 -22.39
CA GLY D 103 20.26 16.26 -23.06
C GLY D 103 21.51 16.01 -22.22
N ALA D 104 21.38 15.42 -21.04
CA ALA D 104 22.51 15.32 -20.13
C ALA D 104 22.79 13.87 -19.76
N PRO D 105 24.04 13.53 -19.45
CA PRO D 105 24.37 12.18 -18.99
C PRO D 105 24.10 12.02 -17.51
N VAL D 106 23.69 10.80 -17.14
CA VAL D 106 23.40 10.45 -15.77
C VAL D 106 23.94 9.05 -15.50
N THR D 107 24.54 8.88 -14.32
CA THR D 107 25.08 7.59 -13.89
C THR D 107 24.18 7.03 -12.78
N VAL D 108 23.60 5.86 -13.04
CA VAL D 108 22.78 5.16 -12.06
C VAL D 108 23.61 4.05 -11.44
N GLN D 109 23.39 3.77 -10.16
CA GLN D 109 24.20 2.79 -9.44
C GLN D 109 23.34 1.75 -8.72
N ALA D 110 23.66 0.48 -8.97
CA ALA D 110 22.98 -0.62 -8.32
C ALA D 110 23.99 -1.62 -7.78
N GLU D 111 23.67 -2.23 -6.64
CA GLU D 111 24.40 -3.38 -6.15
C GLU D 111 23.88 -4.61 -6.88
N GLU D 112 24.79 -5.37 -7.52
CA GLU D 112 24.39 -6.52 -8.31
C GLU D 112 25.13 -7.77 -7.86
N THR D 113 24.38 -8.86 -7.70
CA THR D 113 24.91 -10.20 -7.51
C THR D 113 24.33 -11.08 -8.60
N ARG D 114 25.20 -11.70 -9.40
CA ARG D 114 24.74 -12.56 -10.48
C ARG D 114 25.40 -13.92 -10.35
N VAL D 115 24.57 -14.96 -10.22
CA VAL D 115 25.02 -16.33 -10.02
C VAL D 115 24.91 -17.07 -11.35
N TRP D 116 26.02 -17.67 -11.77
CA TRP D 116 26.17 -18.38 -13.02
C TRP D 116 26.50 -19.85 -12.75
N GLU D 117 25.94 -20.72 -13.59
CA GLU D 117 26.12 -22.17 -13.51
C GLU D 117 26.77 -22.67 -14.79
N LYS D 118 27.78 -23.52 -14.65
CA LYS D 118 28.45 -24.12 -15.81
C LYS D 118 27.71 -25.42 -16.14
N LYS D 119 26.86 -25.36 -17.16
CA LYS D 119 26.11 -26.53 -17.63
C LYS D 119 26.20 -26.60 -19.14
N ASP D 120 26.19 -27.84 -19.65
CA ASP D 120 26.23 -28.10 -21.09
C ASP D 120 27.38 -27.36 -21.76
N GLY D 121 28.53 -27.33 -21.07
CA GLY D 121 29.72 -26.70 -21.63
C GLY D 121 29.63 -25.21 -21.78
N GLY D 122 28.79 -24.55 -20.99
CA GLY D 122 28.64 -23.10 -21.07
C GLY D 122 28.18 -22.51 -19.75
N TRP D 123 28.56 -21.26 -19.53
CA TRP D 123 28.13 -20.52 -18.35
C TRP D 123 26.79 -19.85 -18.61
N ILE D 124 25.81 -20.12 -17.73
CA ILE D 124 24.44 -19.65 -17.91
C ILE D 124 24.02 -18.94 -16.63
N HIS D 125 23.43 -17.76 -16.78
CA HIS D 125 22.99 -16.97 -15.64
C HIS D 125 21.76 -17.60 -14.99
N VAL D 126 21.83 -17.86 -13.70
CA VAL D 126 20.75 -18.59 -13.03
C VAL D 126 20.11 -17.75 -11.93
N HIS D 127 20.84 -16.80 -11.35
CA HIS D 127 20.21 -15.99 -10.30
C HIS D 127 20.71 -14.54 -10.37
N MET D 128 19.83 -13.60 -10.03
CA MET D 128 20.26 -12.22 -9.93
C MET D 128 19.60 -11.54 -8.74
N HIS D 129 20.37 -10.68 -8.07
CA HIS D 129 19.89 -9.84 -6.99
C HIS D 129 20.36 -8.42 -7.26
N ARG D 130 19.42 -7.51 -7.46
CA ARG D 130 19.69 -6.12 -7.79
C ARG D 130 19.06 -5.21 -6.75
N SER D 131 19.84 -4.24 -6.26
CA SER D 131 19.31 -3.28 -5.30
C SER D 131 19.82 -1.90 -5.64
N LEU D 132 18.91 -0.93 -5.78
CA LEU D 132 19.32 0.42 -6.11
C LEU D 132 20.06 1.07 -4.95
N VAL D 133 21.12 1.83 -5.25
CA VAL D 133 21.76 2.62 -4.21
C VAL D 133 21.12 4.00 -4.22
N LYS D 134 21.27 4.71 -5.33
CA LYS D 134 20.58 5.98 -5.56
C LYS D 134 20.67 6.34 -7.04
N MET E 1 -27.57 -31.87 12.31
CA MET E 1 -26.47 -30.90 12.26
C MET E 1 -25.57 -31.15 11.05
N SER E 2 -25.19 -30.07 10.38
CA SER E 2 -24.36 -30.14 9.20
C SER E 2 -22.88 -30.10 9.57
N ALA E 3 -22.04 -30.53 8.62
CA ALA E 3 -20.60 -30.41 8.81
C ALA E 3 -20.14 -28.97 8.64
N ALA E 4 -20.76 -28.24 7.70
CA ALA E 4 -20.44 -26.82 7.54
C ALA E 4 -20.75 -26.05 8.82
N ALA E 5 -21.85 -26.38 9.48
CA ALA E 5 -22.16 -25.74 10.76
C ALA E 5 -21.11 -26.07 11.81
N GLU E 6 -20.58 -27.29 11.79
CA GLU E 6 -19.53 -27.67 12.73
C GLU E 6 -18.25 -26.88 12.47
N VAL E 7 -17.87 -26.71 11.21
CA VAL E 7 -16.68 -25.93 10.89
C VAL E 7 -16.90 -24.46 11.27
N LEU E 8 -18.12 -23.96 11.08
CA LEU E 8 -18.42 -22.60 11.50
C LEU E 8 -18.26 -22.43 13.01
N ALA E 9 -18.74 -23.42 13.77
CA ALA E 9 -18.56 -23.38 15.21
C ALA E 9 -17.08 -23.41 15.59
N ARG E 10 -16.30 -24.25 14.91
CA ARG E 10 -14.86 -24.30 15.17
C ARG E 10 -14.20 -22.97 14.87
N ASN E 11 -14.65 -22.30 13.81
CA ASN E 11 -14.07 -21.00 13.45
C ASN E 11 -14.40 -19.93 14.49
N GLN E 12 -15.65 -19.90 14.95
CA GLN E 12 -16.01 -18.97 16.02
C GLN E 12 -15.22 -19.27 17.29
N GLU E 13 -15.00 -20.55 17.58
CA GLU E 13 -14.19 -20.94 18.72
C GLU E 13 -12.76 -20.44 18.58
N LEU E 14 -12.19 -20.55 17.38
CA LEU E 14 -10.84 -20.04 17.14
C LEU E 14 -10.77 -18.53 17.32
N LEU E 15 -11.78 -17.81 16.82
CA LEU E 15 -11.79 -16.36 16.99
C LEU E 15 -11.89 -15.98 18.47
N THR E 16 -12.67 -16.75 19.24
CA THR E 16 -12.74 -16.51 20.68
C THR E 16 -11.39 -16.74 21.35
N ALA E 17 -10.71 -17.82 20.95
CA ALA E 17 -9.39 -18.10 21.50
C ALA E 17 -8.40 -16.98 21.18
N ILE E 18 -8.49 -16.43 19.97
CA ILE E 18 -7.63 -15.31 19.60
C ILE E 18 -7.95 -14.09 20.45
N ALA E 19 -9.24 -13.79 20.64
CA ALA E 19 -9.63 -12.63 21.43
C ALA E 19 -9.19 -12.76 22.88
N ALA E 20 -9.17 -13.98 23.41
CA ALA E 20 -8.77 -14.18 24.80
C ALA E 20 -7.27 -14.24 25.00
N GLY E 21 -6.48 -14.30 23.92
CA GLY E 21 -5.04 -14.44 24.07
C GLY E 21 -4.59 -15.83 24.45
N ASN E 22 -5.48 -16.81 24.41
CA ASN E 22 -5.16 -18.21 24.75
C ASN E 22 -4.40 -18.81 23.57
N TYR E 23 -3.07 -18.71 23.62
CA TYR E 23 -2.27 -19.23 22.52
C TYR E 23 -2.28 -20.74 22.47
N GLU E 24 -2.44 -21.41 23.61
CA GLU E 24 -2.37 -22.88 23.63
C GLU E 24 -3.52 -23.48 22.84
N LYS E 25 -4.75 -23.01 23.09
CA LYS E 25 -5.90 -23.51 22.33
C LYS E 25 -5.76 -23.15 20.84
N TYR E 26 -5.34 -21.92 20.57
CA TYR E 26 -5.09 -21.50 19.19
C TYR E 26 -4.16 -22.47 18.47
N ALA E 27 -3.05 -22.83 19.12
CA ALA E 27 -2.07 -23.72 18.50
C ALA E 27 -2.64 -25.14 18.34
N THR E 28 -3.45 -25.58 19.31
CA THR E 28 -4.09 -26.88 19.16
C THR E 28 -4.99 -26.90 17.92
N MET E 29 -5.64 -25.78 17.62
CA MET E 29 -6.57 -25.76 16.49
C MET E 29 -5.90 -25.58 15.14
N CYS E 30 -4.61 -25.27 15.09
CA CYS E 30 -3.95 -24.89 13.84
C CYS E 30 -2.89 -25.91 13.46
N ASP E 31 -2.86 -26.25 12.18
CA ASP E 31 -1.82 -27.12 11.67
C ASP E 31 -0.46 -26.42 11.74
N PRO E 32 0.59 -27.12 12.14
CA PRO E 32 1.91 -26.47 12.27
C PRO E 32 2.44 -25.90 10.96
N SER E 33 1.89 -26.29 9.81
CA SER E 33 2.33 -25.80 8.52
C SER E 33 1.37 -24.79 7.92
N MET E 34 0.52 -24.16 8.74
CA MET E 34 -0.52 -23.28 8.22
C MET E 34 0.11 -22.09 7.51
N THR E 35 -0.54 -21.67 6.43
CA THR E 35 -0.11 -20.51 5.66
C THR E 35 -1.02 -19.32 5.95
N CYS E 36 -0.46 -18.13 5.75
CA CYS E 36 -1.15 -16.93 6.22
C CYS E 36 -0.79 -15.72 5.34
N PHE E 37 -1.83 -15.06 4.83
CA PHE E 37 -1.76 -13.68 4.39
C PHE E 37 -2.41 -12.82 5.47
N GLU E 38 -1.72 -11.79 5.93
CA GLU E 38 -2.31 -10.88 6.90
C GLU E 38 -1.51 -9.59 6.90
N PRO E 39 -2.07 -8.49 7.40
CA PRO E 39 -1.35 -7.22 7.37
C PRO E 39 0.01 -7.27 8.06
N GLU E 40 0.09 -7.96 9.19
CA GLU E 40 1.34 -8.05 9.94
C GLU E 40 2.46 -8.71 9.13
N ALA E 41 2.12 -9.49 8.12
CA ALA E 41 3.12 -10.10 7.23
C ALA E 41 3.56 -9.17 6.12
N VAL E 42 3.15 -7.90 6.17
CA VAL E 42 3.45 -6.84 5.20
C VAL E 42 3.57 -7.36 3.77
N GLY E 43 2.50 -7.99 3.28
CA GLY E 43 2.42 -8.35 1.87
C GLY E 43 3.17 -9.60 1.46
N HIS E 44 3.31 -10.56 2.36
CA HIS E 44 4.00 -11.80 2.04
C HIS E 44 3.26 -12.97 2.67
N LEU E 45 3.57 -14.17 2.21
CA LEU E 45 2.96 -15.40 2.70
C LEU E 45 3.89 -16.03 3.73
N VAL E 46 3.40 -16.16 4.96
CA VAL E 46 4.17 -16.75 6.05
C VAL E 46 3.64 -18.15 6.34
N GLU E 47 4.53 -19.03 6.80
CA GLU E 47 4.18 -20.39 7.13
C GLU E 47 4.65 -20.69 8.55
N GLY E 48 3.84 -21.45 9.28
CA GLY E 48 4.16 -21.84 10.64
C GLY E 48 3.34 -21.09 11.66
N LEU E 49 3.59 -21.41 12.93
CA LEU E 49 2.87 -20.84 14.05
C LEU E 49 3.69 -19.84 14.86
N ASP E 50 5.01 -19.79 14.69
CA ASP E 50 5.83 -18.87 15.48
C ASP E 50 5.48 -17.42 15.17
N PHE E 51 5.20 -17.12 13.89
CA PHE E 51 4.87 -15.76 13.50
C PHE E 51 3.69 -15.22 14.30
N HIS E 52 2.69 -16.07 14.54
CA HIS E 52 1.54 -15.64 15.32
C HIS E 52 1.77 -15.77 16.82
N LYS E 53 2.58 -16.75 17.24
CA LYS E 53 2.95 -16.84 18.65
C LYS E 53 3.68 -15.59 19.11
N TYR E 54 4.35 -14.89 18.19
CA TYR E 54 5.03 -13.65 18.53
C TYR E 54 4.07 -12.65 19.17
N TYR E 55 2.83 -12.59 18.69
CA TYR E 55 1.88 -11.58 19.17
C TYR E 55 1.19 -12.01 20.47
N PHE E 56 1.12 -13.31 20.75
CA PHE E 56 0.63 -13.77 22.04
C PHE E 56 1.66 -13.58 23.15
N THR E 57 2.94 -13.49 22.80
CA THR E 57 4.03 -13.48 23.77
C THR E 57 4.76 -12.13 23.82
N MET E 58 4.09 -11.04 23.43
CA MET E 58 4.72 -9.74 23.52
C MET E 58 4.89 -9.32 24.98
N PRO E 59 5.94 -8.58 25.30
CA PRO E 59 6.22 -8.24 26.70
C PRO E 59 5.16 -7.33 27.31
N SER E 60 4.76 -7.67 28.53
CA SER E 60 3.83 -6.94 29.38
C SER E 60 3.78 -7.67 30.71
N ALA E 61 3.54 -6.92 31.77
CA ALA E 61 3.55 -7.57 33.08
C ALA E 61 2.41 -7.11 33.98
N PRO E 62 2.25 -5.83 34.32
CA PRO E 62 1.23 -5.49 35.33
C PRO E 62 -0.03 -4.91 34.71
N PRO E 63 -1.21 -5.29 35.19
CA PRO E 63 -2.44 -4.63 34.75
C PRO E 63 -2.67 -3.36 35.55
N ALA E 64 -2.69 -2.22 34.87
CA ALA E 64 -2.77 -0.95 35.56
C ALA E 64 -4.18 -0.75 36.13
N PRO E 65 -4.30 0.04 37.21
CA PRO E 65 -5.64 0.31 37.75
C PRO E 65 -6.49 1.17 36.83
N ASP E 66 -5.89 1.85 35.85
CA ASP E 66 -6.64 2.74 34.98
C ASP E 66 -7.63 1.96 34.12
N ALA E 67 -7.28 0.74 33.72
CA ALA E 67 -8.10 -0.02 32.80
C ALA E 67 -8.59 -1.31 33.44
N PRO E 68 -9.78 -1.77 33.08
CA PRO E 68 -10.28 -3.03 33.63
C PRO E 68 -10.07 -4.22 32.71
N LYS E 69 -10.89 -5.27 32.88
CA LYS E 69 -10.75 -6.47 32.08
C LYS E 69 -10.97 -6.16 30.60
N PRO E 70 -10.27 -6.85 29.69
CA PRO E 70 -10.40 -6.55 28.27
C PRO E 70 -11.78 -6.93 27.74
N HIS E 71 -12.38 -6.01 26.98
CA HIS E 71 -13.73 -6.15 26.45
C HIS E 71 -13.62 -6.25 24.93
N VAL E 72 -13.56 -7.48 24.43
CA VAL E 72 -13.36 -7.76 23.00
C VAL E 72 -14.37 -8.80 22.56
N LEU E 73 -14.96 -8.59 21.37
CA LEU E 73 -15.93 -9.54 20.83
C LEU E 73 -15.77 -9.64 19.32
N ASN E 74 -15.58 -10.85 18.82
CA ASN E 74 -15.47 -11.11 17.39
C ASN E 74 -16.80 -11.63 16.84
N THR E 75 -17.24 -11.07 15.72
CA THR E 75 -18.49 -11.43 15.08
C THR E 75 -18.22 -11.76 13.62
N MET E 76 -18.74 -12.88 13.15
CA MET E 76 -18.60 -13.28 11.75
C MET E 76 -19.80 -12.77 10.98
N ALA E 77 -19.66 -11.58 10.40
CA ALA E 77 -20.72 -11.00 9.59
C ALA E 77 -20.85 -11.76 8.27
N SER E 78 -22.08 -12.22 7.99
CA SER E 78 -22.53 -12.95 6.82
C SER E 78 -21.57 -14.07 6.45
N PRO E 79 -21.49 -15.13 7.27
CA PRO E 79 -20.55 -16.20 6.99
C PRO E 79 -20.98 -17.01 5.77
N HIS E 80 -19.99 -17.64 5.15
CA HIS E 80 -20.20 -18.48 3.98
C HIS E 80 -19.25 -19.67 4.09
N VAL E 81 -19.80 -20.86 4.28
CA VAL E 81 -19.03 -22.09 4.36
C VAL E 81 -19.21 -22.85 3.06
N ARG E 82 -18.10 -23.29 2.47
CA ARG E 82 -18.10 -24.04 1.23
C ARG E 82 -17.31 -25.32 1.44
N MET E 83 -17.96 -26.46 1.23
CA MET E 83 -17.32 -27.76 1.36
C MET E 83 -16.67 -28.12 0.03
N VAL E 84 -15.36 -28.33 0.05
CA VAL E 84 -14.63 -28.73 -1.15
C VAL E 84 -14.12 -30.15 -0.96
N GLY E 85 -14.96 -31.13 -1.26
CA GLY E 85 -14.62 -32.51 -0.99
C GLY E 85 -15.02 -32.91 0.42
N ASP E 86 -14.53 -34.09 0.80
CA ASP E 86 -14.93 -34.66 2.09
C ASP E 86 -14.25 -33.94 3.25
N SER E 87 -13.00 -33.53 3.06
CA SER E 87 -12.15 -33.14 4.19
C SER E 87 -11.68 -31.69 4.12
N CYS E 88 -12.38 -30.83 3.38
CA CYS E 88 -11.96 -29.44 3.24
C CYS E 88 -13.15 -28.51 3.36
N ALA E 89 -12.96 -27.42 4.10
CA ALA E 89 -14.00 -26.39 4.25
C ALA E 89 -13.36 -25.03 4.12
N VAL E 90 -14.08 -24.11 3.47
CA VAL E 90 -13.63 -22.72 3.32
C VAL E 90 -14.67 -21.83 3.98
N VAL E 91 -14.25 -21.10 5.02
CA VAL E 91 -15.13 -20.21 5.77
C VAL E 91 -14.72 -18.78 5.42
N SER E 92 -15.61 -18.06 4.75
CA SER E 92 -15.37 -16.68 4.35
C SER E 92 -16.36 -15.77 5.03
N TYR E 93 -15.89 -14.65 5.57
CA TYR E 93 -16.77 -13.78 6.34
C TYR E 93 -16.12 -12.41 6.51
N ILE E 94 -16.88 -11.50 7.11
CA ILE E 94 -16.35 -10.20 7.53
C ILE E 94 -16.19 -10.24 9.05
N ARG E 95 -14.94 -10.26 9.51
CA ARG E 95 -14.66 -10.25 10.93
C ARG E 95 -14.87 -8.85 11.49
N LEU E 96 -15.82 -8.71 12.41
CA LEU E 96 -16.09 -7.46 13.11
C LEU E 96 -15.65 -7.63 14.55
N THR E 97 -14.59 -6.91 14.93
CA THR E 97 -14.04 -6.96 16.27
C THR E 97 -14.46 -5.70 17.01
N GLN E 98 -15.29 -5.85 18.03
CA GLN E 98 -15.64 -4.77 18.95
C GLN E 98 -14.61 -4.76 20.07
N LYS E 99 -13.81 -3.69 20.14
CA LYS E 99 -12.79 -3.56 21.17
C LYS E 99 -12.89 -2.18 21.79
N MET E 100 -12.09 -1.95 22.83
CA MET E 100 -12.08 -0.70 23.57
C MET E 100 -10.78 0.03 23.31
N VAL E 101 -10.88 1.27 22.82
CA VAL E 101 -9.73 2.15 22.64
C VAL E 101 -9.96 3.38 23.50
N ASN E 102 -8.95 3.72 24.32
CA ASN E 102 -9.11 4.73 25.36
C ASN E 102 -10.30 4.35 26.23
N GLY E 103 -11.34 5.19 26.22
CA GLY E 103 -12.57 4.89 26.93
C GLY E 103 -13.76 4.62 26.05
N ALA E 104 -13.57 4.48 24.73
CA ALA E 104 -14.67 4.35 23.81
C ALA E 104 -14.61 3.04 23.03
N PRO E 105 -15.75 2.48 22.67
CA PRO E 105 -15.75 1.28 21.83
C PRO E 105 -15.53 1.62 20.37
N VAL E 106 -14.88 0.69 19.67
CA VAL E 106 -14.63 0.82 18.25
C VAL E 106 -14.77 -0.56 17.60
N THR E 107 -15.24 -0.55 16.35
CA THR E 107 -15.47 -1.76 15.57
C THR E 107 -14.49 -1.80 14.42
N VAL E 108 -13.60 -2.79 14.41
CA VAL E 108 -12.65 -3.02 13.34
C VAL E 108 -13.20 -4.09 12.42
N GLN E 109 -13.10 -3.87 11.11
CA GLN E 109 -13.62 -4.81 10.13
C GLN E 109 -12.49 -5.35 9.26
N ALA E 110 -12.56 -6.64 8.94
CA ALA E 110 -11.58 -7.25 8.07
C ALA E 110 -12.22 -8.36 7.25
N GLU E 111 -11.77 -8.50 6.00
CA GLU E 111 -12.20 -9.61 5.16
C GLU E 111 -11.38 -10.84 5.53
N GLU E 112 -12.04 -11.94 5.93
CA GLU E 112 -11.30 -13.13 6.36
C GLU E 112 -11.74 -14.36 5.59
N THR E 113 -10.75 -15.13 5.14
CA THR E 113 -10.94 -16.44 4.53
C THR E 113 -10.09 -17.44 5.31
N ARG E 114 -10.73 -18.47 5.85
CA ARG E 114 -10.03 -19.47 6.65
C ARG E 114 -10.36 -20.87 6.13
N VAL E 115 -9.33 -21.62 5.78
CA VAL E 115 -9.48 -22.97 5.25
C VAL E 115 -9.22 -23.98 6.37
N TRP E 116 -10.07 -25.00 6.44
CA TRP E 116 -9.99 -26.03 7.47
C TRP E 116 -9.92 -27.40 6.82
N GLU E 117 -9.04 -28.24 7.36
CA GLU E 117 -8.85 -29.61 6.91
C GLU E 117 -9.35 -30.58 7.97
N LYS E 118 -9.97 -31.67 7.52
CA LYS E 118 -10.44 -32.73 8.42
C LYS E 118 -9.34 -33.77 8.56
N LYS E 119 -8.69 -33.79 9.72
CA LYS E 119 -7.67 -34.77 10.04
C LYS E 119 -8.04 -35.47 11.34
N ASP E 120 -8.02 -36.81 11.30
CA ASP E 120 -8.29 -37.65 12.47
C ASP E 120 -9.53 -37.19 13.22
N GLY E 121 -10.65 -37.10 12.49
CA GLY E 121 -11.92 -36.76 13.09
C GLY E 121 -12.06 -35.33 13.60
N GLY E 122 -11.06 -34.48 13.41
CA GLY E 122 -11.12 -33.12 13.89
C GLY E 122 -10.76 -32.13 12.81
N TRP E 123 -11.33 -30.93 12.91
CA TRP E 123 -11.07 -29.86 11.96
C TRP E 123 -9.95 -28.97 12.45
N ILE E 124 -8.94 -28.77 11.61
CA ILE E 124 -7.81 -27.91 11.95
C ILE E 124 -7.62 -26.84 10.89
N HIS E 125 -7.20 -25.66 11.35
CA HIS E 125 -7.04 -24.50 10.49
C HIS E 125 -5.71 -24.57 9.75
N VAL E 126 -5.74 -24.43 8.43
CA VAL E 126 -4.55 -24.69 7.61
C VAL E 126 -4.10 -23.48 6.81
N HIS E 127 -5.02 -22.57 6.50
CA HIS E 127 -4.67 -21.39 5.71
C HIS E 127 -5.63 -20.25 5.99
N MET E 128 -5.06 -19.06 6.16
CA MET E 128 -5.87 -17.86 6.41
C MET E 128 -5.44 -16.73 5.48
N HIS E 129 -6.43 -15.92 5.10
CA HIS E 129 -6.20 -14.72 4.30
C HIS E 129 -7.00 -13.59 4.93
N ARG E 130 -6.29 -12.57 5.41
CA ARG E 130 -6.88 -11.48 6.17
C ARG E 130 -6.52 -10.15 5.51
N SER E 131 -7.53 -9.35 5.23
CA SER E 131 -7.35 -8.05 4.61
C SER E 131 -8.23 -7.03 5.31
N LEU E 132 -7.69 -5.82 5.49
CA LEU E 132 -8.42 -4.77 6.20
C LEU E 132 -9.23 -3.94 5.22
N VAL E 133 -10.44 -3.58 5.65
CA VAL E 133 -11.29 -2.67 4.89
C VAL E 133 -11.02 -1.26 5.36
N LYS E 134 -11.36 -0.98 6.62
CA LYS E 134 -10.99 0.26 7.30
C LYS E 134 -11.31 0.15 8.79
N SER F 2 2.75 -33.61 -9.27
CA SER F 2 2.38 -33.15 -10.60
C SER F 2 0.97 -32.58 -10.61
N ALA F 3 0.18 -32.94 -9.60
CA ALA F 3 -1.15 -32.33 -9.45
C ALA F 3 -1.02 -30.84 -9.16
N ALA F 4 -0.11 -30.47 -8.26
CA ALA F 4 0.16 -29.06 -8.00
C ALA F 4 0.59 -28.34 -9.27
N ALA F 5 1.35 -29.02 -10.13
CA ALA F 5 1.73 -28.44 -11.42
C ALA F 5 0.50 -28.16 -12.26
N GLU F 6 -0.47 -29.08 -12.27
CA GLU F 6 -1.70 -28.85 -13.01
C GLU F 6 -2.46 -27.65 -12.48
N VAL F 7 -2.61 -27.56 -11.16
CA VAL F 7 -3.38 -26.46 -10.57
C VAL F 7 -2.67 -25.13 -10.83
N LEU F 8 -1.34 -25.12 -10.76
CA LEU F 8 -0.60 -23.89 -11.05
C LEU F 8 -0.76 -23.48 -12.51
N ALA F 9 -0.70 -24.46 -13.43
CA ALA F 9 -0.90 -24.15 -14.84
C ALA F 9 -2.29 -23.61 -15.09
N ARG F 10 -3.30 -24.18 -14.42
CA ARG F 10 -4.67 -23.70 -14.57
C ARG F 10 -4.82 -22.28 -14.03
N ASN F 11 -4.18 -21.97 -12.90
CA ASN F 11 -4.25 -20.63 -12.35
C ASN F 11 -3.56 -19.62 -13.28
N GLN F 12 -2.42 -20.01 -13.85
CA GLN F 12 -1.75 -19.13 -14.81
C GLN F 12 -2.60 -18.92 -16.04
N GLU F 13 -3.28 -19.97 -16.51
CA GLU F 13 -4.20 -19.85 -17.64
C GLU F 13 -5.32 -18.88 -17.31
N LEU F 14 -5.87 -18.97 -16.09
CA LEU F 14 -6.92 -18.06 -15.66
C LEU F 14 -6.43 -16.62 -15.66
N LEU F 15 -5.23 -16.39 -15.14
CA LEU F 15 -4.71 -15.03 -15.08
C LEU F 15 -4.44 -14.47 -16.47
N THR F 16 -3.95 -15.31 -17.39
CA THR F 16 -3.76 -14.85 -18.76
C THR F 16 -5.08 -14.55 -19.43
N ALA F 17 -6.12 -15.34 -19.14
CA ALA F 17 -7.45 -15.04 -19.66
C ALA F 17 -7.94 -13.70 -19.13
N ILE F 18 -7.72 -13.42 -17.85
CA ILE F 18 -8.10 -12.14 -17.28
C ILE F 18 -7.38 -11.00 -17.99
N ALA F 19 -6.06 -11.13 -18.15
CA ALA F 19 -5.27 -10.07 -18.78
C ALA F 19 -5.69 -9.86 -20.23
N ALA F 20 -6.14 -10.92 -20.92
CA ALA F 20 -6.53 -10.80 -22.31
C ALA F 20 -7.97 -10.32 -22.48
N GLY F 21 -8.74 -10.18 -21.41
CA GLY F 21 -10.13 -9.81 -21.53
C GLY F 21 -11.03 -10.90 -22.09
N ASN F 22 -10.56 -12.15 -22.08
CA ASN F 22 -11.31 -13.28 -22.62
C ASN F 22 -12.27 -13.77 -21.54
N TYR F 23 -13.49 -13.23 -21.54
CA TYR F 23 -14.45 -13.62 -20.51
C TYR F 23 -14.95 -15.05 -20.72
N GLU F 24 -15.00 -15.53 -21.96
CA GLU F 24 -15.52 -16.86 -22.20
C GLU F 24 -14.67 -17.92 -21.50
N LYS F 25 -13.36 -17.89 -21.73
CA LYS F 25 -12.46 -18.83 -21.08
C LYS F 25 -12.50 -18.66 -19.56
N TYR F 26 -12.45 -17.41 -19.08
CA TYR F 26 -12.48 -17.14 -17.65
C TYR F 26 -13.71 -17.77 -17.00
N ALA F 27 -14.89 -17.55 -17.60
CA ALA F 27 -16.12 -18.09 -17.04
C ALA F 27 -16.12 -19.61 -17.10
N THR F 28 -15.61 -20.19 -18.18
CA THR F 28 -15.58 -21.65 -18.26
C THR F 28 -14.63 -22.26 -17.24
N MET F 29 -13.68 -21.48 -16.71
CA MET F 29 -12.78 -22.00 -15.69
C MET F 29 -13.30 -21.81 -14.26
N CYS F 30 -14.39 -21.09 -14.07
CA CYS F 30 -14.88 -20.76 -12.73
C CYS F 30 -16.19 -21.48 -12.44
N ASP F 31 -16.35 -21.93 -11.21
CA ASP F 31 -17.63 -22.44 -10.76
C ASP F 31 -18.63 -21.30 -10.66
N PRO F 32 -19.85 -21.46 -11.16
CA PRO F 32 -20.80 -20.34 -11.17
C PRO F 32 -21.20 -19.86 -9.78
N SER F 33 -20.95 -20.64 -8.73
CA SER F 33 -21.20 -20.22 -7.35
C SER F 33 -19.96 -19.66 -6.68
N MET F 34 -19.00 -19.19 -7.47
CA MET F 34 -17.71 -18.74 -6.95
C MET F 34 -17.88 -17.57 -5.98
N THR F 35 -17.13 -17.62 -4.88
CA THR F 35 -17.10 -16.53 -3.92
C THR F 35 -15.82 -15.71 -4.07
N CYS F 36 -15.90 -14.44 -3.68
CA CYS F 36 -14.82 -13.51 -4.00
C CYS F 36 -14.74 -12.40 -2.96
N PHE F 37 -13.55 -12.23 -2.38
CA PHE F 37 -13.14 -10.99 -1.76
C PHE F 37 -12.18 -10.29 -2.71
N GLU F 38 -12.40 -9.01 -2.99
CA GLU F 38 -11.46 -8.24 -3.78
C GLU F 38 -11.72 -6.76 -3.56
N PRO F 39 -10.78 -5.89 -3.96
CA PRO F 39 -11.01 -4.45 -3.74
C PRO F 39 -12.27 -3.92 -4.40
N GLU F 40 -12.58 -4.37 -5.62
CA GLU F 40 -13.77 -3.90 -6.31
C GLU F 40 -15.05 -4.26 -5.57
N ALA F 41 -15.01 -5.26 -4.68
CA ALA F 41 -16.14 -5.61 -3.84
C ALA F 41 -16.28 -4.71 -2.62
N VAL F 42 -15.38 -3.74 -2.47
CA VAL F 42 -15.33 -2.75 -1.39
C VAL F 42 -15.78 -3.34 -0.05
N GLY F 43 -15.12 -4.41 0.39
CA GLY F 43 -15.31 -4.89 1.74
C GLY F 43 -16.46 -5.85 1.94
N HIS F 44 -16.91 -6.51 0.88
CA HIS F 44 -18.03 -7.45 0.98
C HIS F 44 -17.70 -8.70 0.18
N LEU F 45 -18.39 -9.79 0.52
CA LEU F 45 -18.21 -11.06 -0.15
C LEU F 45 -19.21 -11.18 -1.30
N VAL F 46 -18.70 -11.35 -2.51
CA VAL F 46 -19.51 -11.35 -3.72
C VAL F 46 -19.58 -12.77 -4.26
N GLU F 47 -20.78 -13.17 -4.67
CA GLU F 47 -21.04 -14.51 -5.18
C GLU F 47 -21.45 -14.42 -6.65
N GLY F 48 -20.96 -15.36 -7.46
CA GLY F 48 -21.35 -15.44 -8.85
C GLY F 48 -20.32 -14.83 -9.79
N LEU F 49 -20.66 -14.86 -11.08
CA LEU F 49 -19.78 -14.41 -12.13
C LEU F 49 -20.18 -13.07 -12.76
N ASP F 50 -21.43 -12.61 -12.54
CA ASP F 50 -21.87 -11.37 -13.16
C ASP F 50 -21.02 -10.19 -12.71
N PHE F 51 -20.69 -10.14 -11.42
CA PHE F 51 -19.87 -9.05 -10.89
C PHE F 51 -18.56 -8.93 -11.64
N HIS F 52 -17.92 -10.07 -11.94
CA HIS F 52 -16.67 -10.05 -12.68
C HIS F 52 -16.90 -9.85 -14.17
N LYS F 53 -18.02 -10.37 -14.70
CA LYS F 53 -18.35 -10.13 -16.11
C LYS F 53 -18.48 -8.64 -16.39
N TYR F 54 -18.88 -7.86 -15.39
CA TYR F 54 -19.02 -6.41 -15.56
C TYR F 54 -17.75 -5.80 -16.14
N TYR F 55 -16.58 -6.24 -15.68
CA TYR F 55 -15.33 -5.58 -16.06
C TYR F 55 -14.80 -6.05 -17.41
N PHE F 56 -15.23 -7.22 -17.89
CA PHE F 56 -14.87 -7.64 -19.24
C PHE F 56 -15.68 -6.92 -20.32
N THR F 57 -16.85 -6.40 -19.97
CA THR F 57 -17.79 -5.85 -20.94
C THR F 57 -17.97 -4.34 -20.79
N MET F 58 -16.98 -3.66 -20.24
CA MET F 58 -17.05 -2.21 -20.15
C MET F 58 -16.96 -1.59 -21.54
N PRO F 59 -17.67 -0.47 -21.76
CA PRO F 59 -17.62 0.19 -23.07
C PRO F 59 -16.30 0.90 -23.26
N SER F 60 -15.67 0.68 -24.41
CA SER F 60 -14.36 1.21 -24.72
C SER F 60 -14.41 1.94 -26.06
N ALA F 61 -13.28 2.55 -26.42
CA ALA F 61 -13.12 3.26 -27.68
C ALA F 61 -12.09 2.55 -28.56
N PRO F 62 -12.26 2.62 -29.89
CA PRO F 62 -11.33 1.94 -30.80
C PRO F 62 -9.91 2.46 -30.72
N PRO F 63 -9.67 3.77 -30.98
CA PRO F 63 -8.38 4.28 -31.47
C PRO F 63 -7.35 3.24 -31.91
N PRO F 68 -1.64 2.45 -28.31
CA PRO F 68 -0.72 1.44 -28.87
C PRO F 68 -1.30 0.03 -28.81
N LYS F 69 -0.67 -0.83 -28.01
CA LYS F 69 -1.11 -2.22 -27.85
C LYS F 69 -1.15 -2.58 -26.37
N PRO F 70 -2.13 -3.38 -25.94
CA PRO F 70 -2.19 -3.78 -24.54
C PRO F 70 -1.03 -4.67 -24.14
N HIS F 71 -0.16 -4.16 -23.28
CA HIS F 71 1.06 -4.84 -22.86
C HIS F 71 0.94 -5.11 -21.36
N VAL F 72 0.38 -6.27 -21.01
CA VAL F 72 0.11 -6.64 -19.64
C VAL F 72 0.59 -8.06 -19.40
N LEU F 73 1.27 -8.29 -18.27
CA LEU F 73 1.76 -9.63 -17.95
C LEU F 73 1.56 -9.91 -16.47
N ASN F 74 0.96 -11.06 -16.16
CA ASN F 74 0.75 -11.47 -14.78
C ASN F 74 1.77 -12.55 -14.40
N THR F 75 2.32 -12.41 -13.19
CA THR F 75 3.30 -13.34 -12.67
C THR F 75 2.87 -13.78 -11.28
N MET F 76 2.96 -15.08 -11.01
CA MET F 76 2.63 -15.62 -9.70
C MET F 76 3.94 -15.73 -8.90
N ALA F 77 4.26 -14.67 -8.16
CA ALA F 77 5.46 -14.67 -7.34
C ALA F 77 5.28 -15.60 -6.15
N SER F 78 6.26 -16.50 -5.98
CA SER F 78 6.39 -17.49 -4.91
C SER F 78 5.07 -18.22 -4.68
N PRO F 79 4.64 -19.07 -5.61
CA PRO F 79 3.37 -19.77 -5.43
C PRO F 79 3.48 -20.89 -4.40
N HIS F 80 2.33 -21.21 -3.82
CA HIS F 80 2.23 -22.22 -2.78
C HIS F 80 0.93 -23.00 -3.00
N VAL F 81 1.06 -24.27 -3.35
CA VAL F 81 -0.09 -25.14 -3.56
C VAL F 81 -0.25 -26.04 -2.34
N ARG F 82 -1.48 -26.14 -1.85
CA ARG F 82 -1.79 -27.00 -0.72
C ARG F 82 -2.96 -27.91 -1.10
N MET F 83 -2.74 -29.22 -1.04
CA MET F 83 -3.79 -30.20 -1.33
C MET F 83 -4.51 -30.52 -0.03
N VAL F 84 -5.78 -30.10 0.06
CA VAL F 84 -6.58 -30.35 1.25
C VAL F 84 -7.61 -31.42 0.92
N GLY F 85 -7.25 -32.67 1.17
CA GLY F 85 -8.07 -33.77 0.72
C GLY F 85 -7.85 -34.06 -0.76
N ASP F 86 -8.69 -34.95 -1.29
CA ASP F 86 -8.52 -35.39 -2.67
C ASP F 86 -9.04 -34.36 -3.66
N SER F 87 -9.97 -33.51 -3.26
CA SER F 87 -10.74 -32.71 -4.19
C SER F 87 -10.46 -31.21 -4.11
N CYS F 88 -9.51 -30.78 -3.27
CA CYS F 88 -9.29 -29.36 -3.08
C CYS F 88 -7.82 -28.98 -3.24
N ALA F 89 -7.60 -27.78 -3.76
CA ALA F 89 -6.27 -27.19 -3.85
C ALA F 89 -6.37 -25.71 -3.52
N VAL F 90 -5.43 -25.22 -2.73
CA VAL F 90 -5.35 -23.80 -2.37
C VAL F 90 -4.04 -23.26 -2.91
N VAL F 91 -4.14 -22.28 -3.81
CA VAL F 91 -2.98 -21.67 -4.46
C VAL F 91 -2.84 -20.26 -3.91
N SER F 92 -1.80 -20.03 -3.12
CA SER F 92 -1.50 -18.72 -2.54
C SER F 92 -0.25 -18.17 -3.19
N TYR F 93 -0.28 -16.90 -3.57
CA TYR F 93 0.85 -16.29 -4.28
C TYR F 93 0.71 -14.77 -4.23
N ILE F 94 1.73 -14.10 -4.76
CA ILE F 94 1.69 -12.65 -4.95
C ILE F 94 1.53 -12.39 -6.44
N ARG F 95 0.37 -11.92 -6.84
CA ARG F 95 0.14 -11.58 -8.24
C ARG F 95 0.84 -10.26 -8.55
N LEU F 96 1.82 -10.31 -9.45
CA LEU F 96 2.53 -9.15 -9.95
C LEU F 96 2.07 -8.87 -11.36
N THR F 97 1.38 -7.75 -11.55
CA THR F 97 0.83 -7.35 -12.84
C THR F 97 1.69 -6.23 -13.39
N GLN F 98 2.37 -6.49 -14.50
CA GLN F 98 3.12 -5.47 -15.22
C GLN F 98 2.21 -4.88 -16.29
N LYS F 99 1.89 -3.59 -16.14
CA LYS F 99 1.07 -2.87 -17.10
C LYS F 99 1.77 -1.59 -17.50
N MET F 100 1.20 -0.90 -18.47
CA MET F 100 1.75 0.35 -18.98
C MET F 100 0.82 1.49 -18.65
N VAL F 101 1.31 2.48 -17.92
CA VAL F 101 0.56 3.70 -17.64
C VAL F 101 1.37 4.87 -18.17
N ASN F 102 0.71 5.79 -18.87
CA ASN F 102 1.37 6.80 -19.68
C ASN F 102 2.35 6.08 -20.58
N GLY F 103 3.62 6.47 -20.63
CA GLY F 103 4.56 5.75 -21.45
C GLY F 103 5.51 4.91 -20.64
N ALA F 104 5.13 4.61 -19.39
CA ALA F 104 6.04 3.94 -18.48
C ALA F 104 5.44 2.65 -17.94
N PRO F 105 6.27 1.64 -17.69
CA PRO F 105 5.78 0.41 -17.08
C PRO F 105 5.64 0.55 -15.57
N VAL F 106 4.66 -0.17 -15.03
CA VAL F 106 4.37 -0.15 -13.59
C VAL F 106 3.99 -1.57 -13.16
N THR F 107 4.51 -1.98 -12.02
CA THR F 107 4.25 -3.30 -11.45
C THR F 107 3.32 -3.13 -10.24
N VAL F 108 2.13 -3.71 -10.33
CA VAL F 108 1.15 -3.72 -9.25
C VAL F 108 1.21 -5.08 -8.57
N GLN F 109 1.14 -5.09 -7.24
CA GLN F 109 1.23 -6.31 -6.46
C GLN F 109 -0.05 -6.54 -5.66
N ALA F 110 -0.46 -7.80 -5.57
CA ALA F 110 -1.65 -8.14 -4.79
C ALA F 110 -1.51 -9.53 -4.19
N GLU F 111 -1.90 -9.67 -2.93
CA GLU F 111 -1.95 -10.98 -2.28
C GLU F 111 -3.15 -11.75 -2.82
N GLU F 112 -2.91 -12.91 -3.43
CA GLU F 112 -4.00 -13.69 -4.01
C GLU F 112 -4.03 -15.10 -3.45
N THR F 113 -5.20 -15.50 -2.97
CA THR F 113 -5.51 -16.87 -2.59
C THR F 113 -6.66 -17.35 -3.47
N ARG F 114 -6.41 -18.42 -4.24
CA ARG F 114 -7.43 -18.96 -5.13
C ARG F 114 -7.62 -20.43 -4.84
N VAL F 115 -8.87 -20.82 -4.60
CA VAL F 115 -9.24 -22.19 -4.26
C VAL F 115 -9.78 -22.88 -5.51
N TRP F 116 -9.33 -24.10 -5.74
CA TRP F 116 -9.73 -24.90 -6.89
C TRP F 116 -10.25 -26.25 -6.43
N GLU F 117 -11.24 -26.75 -7.15
CA GLU F 117 -11.85 -28.04 -6.89
C GLU F 117 -11.66 -28.94 -8.11
N LYS F 118 -11.30 -30.20 -7.86
CA LYS F 118 -11.17 -31.20 -8.92
C LYS F 118 -12.53 -31.86 -9.11
N LYS F 119 -13.14 -31.65 -10.27
CA LYS F 119 -14.43 -32.25 -10.62
C LYS F 119 -14.21 -33.13 -11.85
N ASP F 120 -14.16 -34.44 -11.64
CA ASP F 120 -13.94 -35.40 -12.71
C ASP F 120 -12.66 -35.07 -13.47
N GLY F 121 -12.80 -34.49 -14.66
CA GLY F 121 -11.65 -34.08 -15.43
C GLY F 121 -11.42 -32.59 -15.43
N GLY F 122 -10.42 -32.13 -14.71
CA GLY F 122 -10.05 -30.73 -14.68
C GLY F 122 -10.32 -30.07 -13.34
N TRP F 123 -9.69 -28.93 -13.14
CA TRP F 123 -9.85 -28.10 -11.95
C TRP F 123 -10.68 -26.87 -12.29
N ILE F 124 -11.56 -26.47 -11.37
CA ILE F 124 -12.32 -25.25 -11.54
C ILE F 124 -12.16 -24.35 -10.32
N HIS F 125 -12.27 -23.06 -10.56
CA HIS F 125 -12.03 -22.03 -9.55
C HIS F 125 -13.32 -21.78 -8.76
N VAL F 126 -13.23 -21.82 -7.43
CA VAL F 126 -14.43 -21.76 -6.61
C VAL F 126 -14.43 -20.55 -5.66
N HIS F 127 -13.25 -20.14 -5.21
CA HIS F 127 -13.16 -19.05 -4.25
C HIS F 127 -11.86 -18.27 -4.45
N MET F 128 -11.95 -16.94 -4.35
CA MET F 128 -10.79 -16.08 -4.51
C MET F 128 -10.77 -15.00 -3.42
N HIS F 129 -9.56 -14.64 -3.00
CA HIS F 129 -9.35 -13.58 -2.03
C HIS F 129 -8.19 -12.72 -2.51
N ARG F 130 -8.45 -11.45 -2.78
CA ARG F 130 -7.48 -10.51 -3.31
C ARG F 130 -7.26 -9.38 -2.32
N SER F 131 -5.99 -9.08 -2.03
CA SER F 131 -5.63 -8.00 -1.12
C SER F 131 -4.56 -7.15 -1.77
N LEU F 132 -4.79 -5.84 -1.82
CA LEU F 132 -3.78 -4.92 -2.29
C LEU F 132 -2.75 -4.67 -1.20
N VAL F 133 -1.47 -4.75 -1.57
CA VAL F 133 -0.38 -4.58 -0.62
C VAL F 133 -0.03 -3.10 -0.53
N LYS F 134 0.41 -2.55 -1.66
CA LYS F 134 0.81 -1.14 -1.72
C LYS F 134 0.77 -0.67 -3.17
N SER G 2 -55.30 1.18 16.91
CA SER G 2 -55.47 0.25 18.03
C SER G 2 -54.31 -0.73 18.10
N ALA G 3 -54.05 -1.41 16.98
CA ALA G 3 -52.88 -2.29 16.91
C ALA G 3 -51.59 -1.47 16.77
N ALA G 4 -51.61 -0.49 15.87
CA ALA G 4 -50.43 0.35 15.66
C ALA G 4 -50.04 1.09 16.94
N ALA G 5 -51.03 1.51 17.73
CA ALA G 5 -50.72 2.17 19.01
C ALA G 5 -50.03 1.22 19.97
N GLU G 6 -50.46 -0.04 19.99
CA GLU G 6 -49.82 -1.06 20.83
C GLU G 6 -48.36 -1.25 20.41
N VAL G 7 -48.12 -1.35 19.09
CA VAL G 7 -46.76 -1.54 18.61
C VAL G 7 -45.90 -0.32 18.92
N LEU G 8 -46.48 0.89 18.82
CA LEU G 8 -45.73 2.10 19.14
C LEU G 8 -45.35 2.14 20.61
N ALA G 9 -46.28 1.76 21.49
CA ALA G 9 -45.96 1.68 22.91
C ALA G 9 -44.82 0.70 23.15
N ARG G 10 -44.87 -0.46 22.48
CA ARG G 10 -43.79 -1.43 22.60
C ARG G 10 -42.45 -0.85 22.14
N ASN G 11 -42.46 -0.10 21.04
CA ASN G 11 -41.22 0.46 20.52
C ASN G 11 -40.65 1.53 21.45
N GLN G 12 -41.51 2.38 21.99
CA GLN G 12 -41.06 3.37 22.97
C GLN G 12 -40.51 2.68 24.21
N GLU G 13 -41.12 1.58 24.63
CA GLU G 13 -40.59 0.80 25.74
C GLU G 13 -39.20 0.28 25.44
N LEU G 14 -38.99 -0.22 24.21
CA LEU G 14 -37.67 -0.69 23.82
C LEU G 14 -36.64 0.44 23.88
N LEU G 15 -36.99 1.62 23.36
CA LEU G 15 -36.07 2.74 23.38
C LEU G 15 -35.73 3.16 24.81
N THR G 16 -36.73 3.18 25.69
CA THR G 16 -36.47 3.49 27.09
C THR G 16 -35.54 2.47 27.73
N ALA G 17 -35.75 1.18 27.42
CA ALA G 17 -34.87 0.14 27.95
C ALA G 17 -33.44 0.34 27.46
N ILE G 18 -33.27 0.74 26.20
CA ILE G 18 -31.93 1.03 25.69
C ILE G 18 -31.31 2.19 26.45
N ALA G 19 -32.08 3.27 26.64
CA ALA G 19 -31.56 4.45 27.31
C ALA G 19 -31.17 4.18 28.75
N ALA G 20 -31.88 3.25 29.41
CA ALA G 20 -31.59 2.94 30.80
C ALA G 20 -30.42 1.98 30.98
N GLY G 21 -29.95 1.34 29.90
CA GLY G 21 -28.93 0.32 30.03
C GLY G 21 -29.45 -1.01 30.54
N ASN G 22 -30.76 -1.23 30.50
CA ASN G 22 -31.39 -2.45 30.96
C ASN G 22 -31.31 -3.49 29.84
N TYR G 23 -30.23 -4.28 29.84
CA TYR G 23 -30.07 -5.27 28.78
C TYR G 23 -31.08 -6.40 28.92
N GLU G 24 -31.55 -6.67 30.14
CA GLU G 24 -32.46 -7.79 30.34
C GLU G 24 -33.77 -7.57 29.59
N LYS G 25 -34.40 -6.41 29.77
CA LYS G 25 -35.64 -6.13 29.07
C LYS G 25 -35.42 -6.03 27.57
N TYR G 26 -34.32 -5.39 27.16
CA TYR G 26 -33.98 -5.32 25.74
C TYR G 26 -33.89 -6.71 25.13
N ALA G 27 -33.32 -7.66 25.86
CA ALA G 27 -33.20 -9.03 25.36
C ALA G 27 -34.55 -9.73 25.32
N THR G 28 -35.39 -9.51 26.35
CA THR G 28 -36.71 -10.12 26.34
C THR G 28 -37.57 -9.60 25.21
N MET G 29 -37.29 -8.38 24.72
CA MET G 29 -38.08 -7.80 23.65
C MET G 29 -37.56 -8.11 22.25
N CYS G 30 -36.39 -8.73 22.14
CA CYS G 30 -35.77 -8.97 20.84
C CYS G 30 -35.68 -10.46 20.54
N ASP G 31 -35.94 -10.81 19.29
CA ASP G 31 -35.80 -12.19 18.85
C ASP G 31 -34.32 -12.55 18.79
N PRO G 32 -33.94 -13.75 19.26
CA PRO G 32 -32.51 -14.12 19.25
C PRO G 32 -31.90 -14.15 17.85
N SER G 33 -32.71 -14.20 16.79
CA SER G 33 -32.24 -14.18 15.42
C SER G 33 -32.38 -12.80 14.78
N MET G 34 -32.40 -11.76 15.60
CA MET G 34 -32.65 -10.40 15.11
C MET G 34 -31.54 -9.93 14.19
N THR G 35 -31.93 -9.30 13.09
CA THR G 35 -31.00 -8.72 12.13
C THR G 35 -30.90 -7.22 12.34
N CYS G 36 -29.73 -6.66 11.99
CA CYS G 36 -29.45 -5.29 12.36
C CYS G 36 -28.50 -4.63 11.38
N PHE G 37 -28.92 -3.48 10.85
CA PHE G 37 -28.03 -2.49 10.27
C PHE G 37 -27.89 -1.36 11.28
N GLU G 38 -26.66 -0.96 11.57
CA GLU G 38 -26.43 0.19 12.44
C GLU G 38 -25.01 0.67 12.23
N PRO G 39 -24.72 1.94 12.55
CA PRO G 39 -23.37 2.47 12.29
C PRO G 39 -22.27 1.71 13.02
N GLU G 40 -22.57 1.17 14.20
CA GLU G 40 -21.58 0.38 14.93
C GLU G 40 -21.20 -0.89 14.18
N ALA G 41 -22.05 -1.35 13.26
CA ALA G 41 -21.77 -2.51 12.42
C ALA G 41 -20.95 -2.17 11.19
N VAL G 42 -20.44 -0.93 11.11
CA VAL G 42 -19.62 -0.40 10.02
C VAL G 42 -19.98 -0.97 8.65
N GLY G 43 -21.26 -0.88 8.28
CA GLY G 43 -21.68 -1.20 6.93
C GLY G 43 -21.95 -2.65 6.66
N HIS G 44 -22.37 -3.42 7.66
CA HIS G 44 -22.66 -4.83 7.47
C HIS G 44 -23.92 -5.20 8.24
N LEU G 45 -24.52 -6.32 7.85
CA LEU G 45 -25.71 -6.84 8.51
C LEU G 45 -25.29 -7.84 9.58
N VAL G 46 -25.57 -7.51 10.84
CA VAL G 46 -25.19 -8.35 11.97
C VAL G 46 -26.44 -9.06 12.49
N GLU G 47 -26.22 -10.24 13.07
CA GLU G 47 -27.30 -11.11 13.52
C GLU G 47 -27.01 -11.55 14.94
N GLY G 48 -28.06 -11.57 15.77
CA GLY G 48 -27.93 -11.99 17.16
C GLY G 48 -27.98 -10.82 18.12
N LEU G 49 -27.83 -11.16 19.40
CA LEU G 49 -27.89 -10.18 20.48
C LEU G 49 -26.54 -9.85 21.11
N ASP G 50 -25.54 -10.72 20.94
CA ASP G 50 -24.24 -10.50 21.60
C ASP G 50 -23.60 -9.21 21.11
N PHE G 51 -23.76 -8.90 19.81
CA PHE G 51 -23.21 -7.67 19.26
C PHE G 51 -23.74 -6.44 19.99
N HIS G 52 -25.03 -6.45 20.34
CA HIS G 52 -25.61 -5.35 21.11
C HIS G 52 -25.36 -5.51 22.60
N LYS G 53 -25.25 -6.76 23.08
CA LYS G 53 -24.89 -6.99 24.47
C LYS G 53 -23.54 -6.40 24.80
N TYR G 54 -22.65 -6.28 23.80
CA TYR G 54 -21.34 -5.69 24.01
C TYR G 54 -21.45 -4.30 24.62
N TYR G 55 -22.43 -3.51 24.19
CA TYR G 55 -22.53 -2.11 24.60
C TYR G 55 -23.19 -1.94 25.96
N PHE G 56 -23.98 -2.92 26.41
CA PHE G 56 -24.53 -2.87 27.75
C PHE G 56 -23.55 -3.31 28.82
N THR G 57 -22.52 -4.07 28.44
CA THR G 57 -21.57 -4.65 29.39
C THR G 57 -20.20 -3.98 29.32
N MET G 58 -20.15 -2.72 28.90
CA MET G 58 -18.87 -2.03 28.77
C MET G 58 -18.30 -1.72 30.16
N PRO G 59 -16.98 -1.83 30.34
CA PRO G 59 -16.39 -1.63 31.66
C PRO G 59 -16.24 -0.16 32.04
N SER G 60 -17.10 0.33 32.92
CA SER G 60 -17.06 1.71 33.40
C SER G 60 -16.64 1.72 34.87
N ALA G 61 -16.60 2.93 35.44
CA ALA G 61 -16.24 3.13 36.83
C ALA G 61 -17.39 3.83 37.54
N PRO G 62 -17.96 3.25 38.60
CA PRO G 62 -19.14 3.84 39.25
C PRO G 62 -18.76 5.13 39.98
N PRO G 63 -19.48 6.23 39.70
CA PRO G 63 -19.22 7.48 40.44
C PRO G 63 -20.25 7.76 41.51
N ALA G 64 -19.82 8.32 42.64
CA ALA G 64 -20.75 8.82 43.63
C ALA G 64 -21.46 10.06 43.07
N PRO G 65 -22.75 10.28 43.47
CA PRO G 65 -23.61 11.29 42.83
C PRO G 65 -22.92 12.45 42.14
N ASP G 66 -22.64 12.27 40.84
CA ASP G 66 -22.12 13.29 39.93
C ASP G 66 -22.92 13.10 38.63
N ALA G 67 -24.11 13.71 38.60
CA ALA G 67 -25.20 13.33 37.69
C ALA G 67 -25.54 11.87 37.99
N PRO G 68 -26.32 11.60 39.04
CA PRO G 68 -26.46 10.21 39.52
C PRO G 68 -27.14 9.30 38.52
N LYS G 69 -28.21 9.78 37.88
CA LYS G 69 -28.82 9.06 36.78
C LYS G 69 -28.53 9.81 35.49
N PRO G 70 -27.99 9.15 34.47
CA PRO G 70 -27.70 9.84 33.21
C PRO G 70 -28.96 10.47 32.62
N HIS G 71 -28.77 11.61 31.97
CA HIS G 71 -29.87 12.42 31.45
C HIS G 71 -29.97 12.20 29.94
N VAL G 72 -30.77 11.21 29.55
CA VAL G 72 -30.94 10.83 28.15
C VAL G 72 -32.42 10.62 27.89
N LEU G 73 -32.90 11.15 26.75
CA LEU G 73 -34.30 10.98 26.39
C LEU G 73 -34.43 10.73 24.89
N ASN G 74 -35.16 9.68 24.53
CA ASN G 74 -35.38 9.31 23.14
C ASN G 74 -36.80 9.67 22.72
N THR G 75 -36.93 10.33 21.57
CA THR G 75 -38.21 10.76 21.03
C THR G 75 -38.37 10.21 19.63
N MET G 76 -39.56 9.67 19.34
CA MET G 76 -39.88 9.12 18.01
C MET G 76 -40.56 10.21 17.20
N ALA G 77 -39.76 11.01 16.49
CA ALA G 77 -40.30 12.07 15.65
C ALA G 77 -41.02 11.49 14.45
N SER G 78 -42.27 11.95 14.27
CA SER G 78 -43.13 11.57 13.16
C SER G 78 -43.19 10.06 12.92
N PRO G 79 -43.73 9.30 13.87
CA PRO G 79 -43.78 7.84 13.71
C PRO G 79 -44.75 7.45 12.60
N HIS G 80 -44.45 6.31 11.97
CA HIS G 80 -45.29 5.75 10.92
C HIS G 80 -45.32 4.24 11.13
N VAL G 81 -46.49 3.70 11.44
CA VAL G 81 -46.66 2.28 11.64
C VAL G 81 -47.43 1.72 10.44
N ARG G 82 -46.86 0.69 9.82
CA ARG G 82 -47.47 0.03 8.68
C ARG G 82 -47.72 -1.43 9.04
N MET G 83 -48.98 -1.87 8.90
CA MET G 83 -49.35 -3.24 9.18
C MET G 83 -49.27 -4.06 7.90
N VAL G 84 -48.40 -5.07 7.90
CA VAL G 84 -48.29 -5.99 6.78
C VAL G 84 -48.77 -7.36 7.23
N GLY G 85 -50.07 -7.60 7.07
CA GLY G 85 -50.68 -8.78 7.66
C GLY G 85 -51.03 -8.56 9.11
N ASP G 86 -51.58 -9.61 9.73
CA ASP G 86 -52.02 -9.49 11.12
C ASP G 86 -50.87 -9.58 12.12
N SER G 87 -49.74 -10.17 11.73
CA SER G 87 -48.68 -10.49 12.67
C SER G 87 -47.40 -9.70 12.45
N CYS G 88 -47.42 -8.69 11.58
CA CYS G 88 -46.22 -7.93 11.27
C CYS G 88 -46.50 -6.43 11.31
N ALA G 89 -45.55 -5.69 11.88
CA ALA G 89 -45.65 -4.23 11.95
C ALA G 89 -44.29 -3.61 11.66
N VAL G 90 -44.30 -2.55 10.85
CA VAL G 90 -43.09 -1.82 10.50
C VAL G 90 -43.21 -0.41 11.08
N VAL G 91 -42.33 -0.07 12.02
CA VAL G 91 -42.33 1.22 12.68
C VAL G 91 -41.15 2.02 12.12
N SER G 92 -41.45 3.06 11.35
CA SER G 92 -40.44 3.92 10.76
C SER G 92 -40.57 5.32 11.34
N TYR G 93 -39.46 5.89 11.79
CA TYR G 93 -39.50 7.17 12.48
C TYR G 93 -38.11 7.79 12.50
N ILE G 94 -38.03 9.00 13.06
CA ILE G 94 -36.74 9.66 13.29
C ILE G 94 -36.48 9.63 14.79
N ARG G 95 -35.48 8.87 15.20
CA ARG G 95 -35.08 8.81 16.60
C ARG G 95 -34.26 10.05 16.94
N LEU G 96 -34.77 10.87 17.86
CA LEU G 96 -34.08 12.05 18.38
C LEU G 96 -33.65 11.74 19.80
N THR G 97 -32.34 11.65 20.03
CA THR G 97 -31.80 11.35 21.34
C THR G 97 -31.18 12.61 21.93
N GLN G 98 -31.75 13.10 23.03
CA GLN G 98 -31.19 14.21 23.77
C GLN G 98 -30.29 13.66 24.87
N LYS G 99 -29.00 14.02 24.82
CA LYS G 99 -28.04 13.51 25.78
C LYS G 99 -27.12 14.64 26.23
N MET G 100 -26.30 14.34 27.23
CA MET G 100 -25.40 15.31 27.84
C MET G 100 -23.96 14.98 27.45
N VAL G 101 -23.27 15.95 26.87
CA VAL G 101 -21.85 15.83 26.55
C VAL G 101 -21.15 17.08 27.05
N ASN G 102 -20.15 16.90 27.92
CA ASN G 102 -19.36 18.00 28.49
C ASN G 102 -20.28 19.07 29.08
N GLY G 103 -21.28 18.62 29.84
CA GLY G 103 -22.20 19.53 30.49
C GLY G 103 -23.13 20.30 29.57
N ALA G 104 -23.23 19.90 28.30
CA ALA G 104 -24.10 20.59 27.36
C ALA G 104 -25.06 19.61 26.71
N PRO G 105 -26.30 20.03 26.44
CA PRO G 105 -27.25 19.13 25.78
C PRO G 105 -27.01 19.08 24.29
N VAL G 106 -27.17 17.88 23.72
CA VAL G 106 -27.02 17.67 22.28
C VAL G 106 -28.11 16.71 21.82
N THR G 107 -28.73 17.04 20.69
CA THR G 107 -29.78 16.23 20.08
C THR G 107 -29.19 15.53 18.85
N VAL G 108 -29.01 14.22 18.95
CA VAL G 108 -28.50 13.41 17.84
C VAL G 108 -29.67 12.70 17.17
N GLN G 109 -29.70 12.74 15.84
CA GLN G 109 -30.82 12.23 15.06
C GLN G 109 -30.41 11.02 14.23
N ALA G 110 -31.32 10.07 14.08
CA ALA G 110 -31.08 8.91 13.23
C ALA G 110 -32.40 8.46 12.61
N GLU G 111 -32.30 7.94 11.39
CA GLU G 111 -33.45 7.30 10.75
C GLU G 111 -33.56 5.86 11.24
N GLU G 112 -34.73 5.47 11.74
CA GLU G 112 -34.88 4.12 12.28
C GLU G 112 -36.10 3.43 11.68
N THR G 113 -35.89 2.20 11.22
CA THR G 113 -36.94 1.28 10.82
C THR G 113 -36.82 0.03 11.68
N ARG G 114 -37.85 -0.28 12.44
CA ARG G 114 -37.86 -1.45 13.32
C ARG G 114 -39.06 -2.32 12.98
N VAL G 115 -38.81 -3.62 12.78
CA VAL G 115 -39.83 -4.57 12.40
C VAL G 115 -40.19 -5.43 13.60
N TRP G 116 -41.48 -5.57 13.84
CA TRP G 116 -42.01 -6.31 14.98
C TRP G 116 -42.93 -7.42 14.47
N GLU G 117 -42.82 -8.59 15.11
CA GLU G 117 -43.64 -9.75 14.78
C GLU G 117 -44.48 -10.13 15.99
N LYS G 118 -45.73 -10.53 15.74
CA LYS G 118 -46.62 -10.97 16.82
C LYS G 118 -46.35 -12.45 17.09
N LYS G 119 -45.62 -12.73 18.17
CA LYS G 119 -45.36 -14.09 18.63
C LYS G 119 -46.01 -14.26 20.00
N ASP G 120 -46.80 -15.33 20.14
CA ASP G 120 -47.38 -15.71 21.43
C ASP G 120 -48.14 -14.56 22.08
N GLY G 121 -48.87 -13.81 21.25
CA GLY G 121 -49.65 -12.69 21.77
C GLY G 121 -48.84 -11.51 22.25
N GLY G 122 -47.62 -11.35 21.75
CA GLY G 122 -46.80 -10.21 22.11
C GLY G 122 -45.87 -9.85 20.98
N TRP G 123 -45.53 -8.56 20.90
CA TRP G 123 -44.70 -8.07 19.80
C TRP G 123 -43.23 -8.20 20.14
N ILE G 124 -42.46 -8.77 19.20
CA ILE G 124 -41.03 -9.02 19.38
C ILE G 124 -40.27 -8.37 18.23
N HIS G 125 -39.13 -7.77 18.56
CA HIS G 125 -38.31 -7.05 17.59
C HIS G 125 -37.45 -8.03 16.81
N VAL G 126 -37.52 -7.96 15.47
CA VAL G 126 -36.85 -8.96 14.64
C VAL G 126 -35.79 -8.34 13.74
N HIS G 127 -35.99 -7.09 13.33
CA HIS G 127 -35.05 -6.45 12.42
C HIS G 127 -35.03 -4.95 12.66
N MET G 128 -33.82 -4.37 12.67
CA MET G 128 -33.70 -2.92 12.82
C MET G 128 -32.69 -2.38 11.82
N HIS G 129 -32.94 -1.14 11.37
CA HIS G 129 -32.09 -0.46 10.40
C HIS G 129 -31.91 0.98 10.87
N ARG G 130 -30.71 1.30 11.36
CA ARG G 130 -30.37 2.62 11.87
C ARG G 130 -29.38 3.29 10.92
N SER G 131 -29.67 4.53 10.57
CA SER G 131 -28.75 5.34 9.77
C SER G 131 -28.67 6.74 10.37
N LEU G 132 -27.45 7.19 10.64
CA LEU G 132 -27.27 8.54 11.18
C LEU G 132 -27.50 9.57 10.10
N VAL G 133 -28.38 10.54 10.38
CA VAL G 133 -28.65 11.60 9.42
C VAL G 133 -27.43 12.48 9.24
N LYS G 134 -26.84 12.95 10.35
CA LYS G 134 -25.71 13.87 10.34
C LYS G 134 -25.98 15.09 9.47
N MET H 1 -38.23 -25.03 -3.79
CA MET H 1 -38.99 -23.92 -4.37
C MET H 1 -39.64 -23.06 -3.26
N SER H 2 -38.81 -22.32 -2.55
CA SER H 2 -39.27 -21.50 -1.43
C SER H 2 -39.70 -20.12 -1.90
N ALA H 3 -40.65 -19.54 -1.16
CA ALA H 3 -41.10 -18.19 -1.48
C ALA H 3 -40.00 -17.17 -1.27
N ALA H 4 -39.03 -17.47 -0.41
CA ALA H 4 -37.93 -16.55 -0.16
C ALA H 4 -37.12 -16.31 -1.43
N ALA H 5 -36.82 -17.39 -2.17
CA ALA H 5 -36.12 -17.23 -3.44
C ALA H 5 -36.92 -16.35 -4.40
N GLU H 6 -38.24 -16.47 -4.37
CA GLU H 6 -39.08 -15.69 -5.27
C GLU H 6 -39.08 -14.21 -4.90
N VAL H 7 -39.18 -13.89 -3.60
CA VAL H 7 -39.16 -12.49 -3.22
C VAL H 7 -37.78 -11.89 -3.44
N LEU H 8 -36.72 -12.70 -3.30
CA LEU H 8 -35.38 -12.23 -3.64
C LEU H 8 -35.27 -11.93 -5.12
N ALA H 9 -35.86 -12.79 -5.96
CA ALA H 9 -35.89 -12.54 -7.40
C ALA H 9 -36.69 -11.29 -7.73
N ARG H 10 -37.80 -11.06 -7.02
CA ARG H 10 -38.57 -9.83 -7.20
C ARG H 10 -37.73 -8.62 -6.85
N ASN H 11 -36.94 -8.70 -5.78
CA ASN H 11 -36.08 -7.58 -5.39
C ASN H 11 -35.01 -7.31 -6.45
N GLN H 12 -34.40 -8.38 -6.98
CA GLN H 12 -33.43 -8.21 -8.05
C GLN H 12 -34.09 -7.61 -9.29
N GLU H 13 -35.33 -8.00 -9.56
CA GLU H 13 -36.08 -7.43 -10.68
C GLU H 13 -36.32 -5.94 -10.47
N LEU H 14 -36.66 -5.54 -9.25
CA LEU H 14 -36.82 -4.13 -8.94
C LEU H 14 -35.52 -3.37 -9.15
N LEU H 15 -34.40 -3.95 -8.70
CA LEU H 15 -33.12 -3.28 -8.85
C LEU H 15 -32.75 -3.13 -10.32
N THR H 16 -33.00 -4.16 -11.13
CA THR H 16 -32.72 -4.04 -12.56
C THR H 16 -33.63 -3.02 -13.22
N ALA H 17 -34.89 -2.94 -12.77
CA ALA H 17 -35.79 -1.91 -13.28
C ALA H 17 -35.28 -0.52 -12.95
N ILE H 18 -34.76 -0.33 -11.74
CA ILE H 18 -34.17 0.95 -11.36
C ILE H 18 -32.97 1.26 -12.25
N ALA H 19 -32.09 0.28 -12.43
CA ALA H 19 -30.88 0.49 -13.23
C ALA H 19 -31.22 0.79 -14.69
N ALA H 20 -32.34 0.27 -15.19
CA ALA H 20 -32.72 0.46 -16.58
C ALA H 20 -33.41 1.79 -16.85
N GLY H 21 -33.86 2.49 -15.80
CA GLY H 21 -34.66 3.68 -16.01
C GLY H 21 -36.10 3.41 -16.35
N ASN H 22 -36.57 2.18 -16.15
CA ASN H 22 -37.93 1.78 -16.45
C ASN H 22 -38.81 2.17 -15.26
N TYR H 23 -39.37 3.39 -15.30
CA TYR H 23 -40.23 3.80 -14.22
C TYR H 23 -41.56 3.07 -14.22
N GLU H 24 -42.03 2.66 -15.39
CA GLU H 24 -43.33 1.99 -15.47
C GLU H 24 -43.32 0.69 -14.65
N LYS H 25 -42.33 -0.16 -14.88
CA LYS H 25 -42.25 -1.40 -14.11
C LYS H 25 -42.00 -1.12 -12.64
N TYR H 26 -41.12 -0.16 -12.35
CA TYR H 26 -40.87 0.24 -10.97
C TYR H 26 -42.16 0.60 -10.24
N ALA H 27 -43.02 1.37 -10.90
CA ALA H 27 -44.29 1.77 -10.30
C ALA H 27 -45.22 0.58 -10.16
N THR H 28 -45.22 -0.32 -11.15
CA THR H 28 -46.08 -1.50 -11.05
C THR H 28 -45.67 -2.42 -9.91
N MET H 29 -44.41 -2.36 -9.47
CA MET H 29 -43.95 -3.24 -8.40
C MET H 29 -44.08 -2.64 -7.00
N CYS H 30 -44.45 -1.37 -6.87
CA CYS H 30 -44.48 -0.68 -5.59
C CYS H 30 -45.90 -0.28 -5.21
N ASP H 31 -46.22 -0.39 -3.94
CA ASP H 31 -47.49 0.09 -3.44
C ASP H 31 -47.51 1.62 -3.47
N PRO H 32 -48.60 2.24 -3.91
CA PRO H 32 -48.64 3.71 -3.97
C PRO H 32 -48.44 4.39 -2.63
N SER H 33 -48.63 3.68 -1.52
CA SER H 33 -48.38 4.21 -0.18
C SER H 33 -47.02 3.80 0.36
N MET H 34 -46.06 3.56 -0.53
CA MET H 34 -44.74 3.08 -0.11
C MET H 34 -44.01 4.15 0.69
N THR H 35 -43.42 3.73 1.81
CA THR H 35 -42.61 4.62 2.64
C THR H 35 -41.13 4.39 2.37
N CYS H 36 -40.32 5.42 2.57
CA CYS H 36 -38.94 5.39 2.10
C CYS H 36 -38.04 6.27 2.96
N PHE H 37 -37.01 5.68 3.53
CA PHE H 37 -35.83 6.39 4.01
C PHE H 37 -34.72 6.21 2.97
N GLU H 38 -34.11 7.32 2.55
CA GLU H 38 -32.99 7.22 1.63
C GLU H 38 -32.23 8.54 1.64
N PRO H 39 -30.97 8.55 1.18
CA PRO H 39 -30.18 9.80 1.23
C PRO H 39 -30.81 10.96 0.50
N GLU H 40 -31.46 10.72 -0.64
CA GLU H 40 -32.10 11.80 -1.39
C GLU H 40 -33.25 12.42 -0.60
N ALA H 41 -33.77 11.74 0.42
CA ALA H 41 -34.80 12.29 1.28
C ALA H 41 -34.23 13.12 2.43
N VAL H 42 -32.91 13.37 2.41
CA VAL H 42 -32.15 14.16 3.38
C VAL H 42 -32.69 14.05 4.79
N GLY H 43 -32.84 12.83 5.29
CA GLY H 43 -33.13 12.59 6.68
C GLY H 43 -34.60 12.58 7.07
N HIS H 44 -35.50 12.39 6.11
CA HIS H 44 -36.93 12.41 6.40
C HIS H 44 -37.59 11.20 5.75
N LEU H 45 -38.79 10.87 6.25
CA LEU H 45 -39.56 9.76 5.73
C LEU H 45 -40.54 10.27 4.68
N VAL H 46 -40.39 9.79 3.45
CA VAL H 46 -41.24 10.19 2.33
C VAL H 46 -42.22 9.07 2.04
N GLU H 47 -43.37 9.43 1.48
CA GLU H 47 -44.44 8.50 1.15
C GLU H 47 -44.89 8.74 -0.29
N GLY H 48 -45.24 7.66 -0.98
CA GLY H 48 -45.73 7.75 -2.33
C GLY H 48 -44.66 7.43 -3.36
N LEU H 49 -45.05 7.57 -4.63
CA LEU H 49 -44.18 7.26 -5.75
C LEU H 49 -43.65 8.49 -6.49
N ASP H 50 -44.28 9.65 -6.31
CA ASP H 50 -43.88 10.83 -7.08
C ASP H 50 -42.45 11.26 -6.74
N PHE H 51 -42.08 11.15 -5.46
CA PHE H 51 -40.72 11.51 -5.06
C PHE H 51 -39.69 10.71 -5.84
N HIS H 52 -39.97 9.42 -6.07
CA HIS H 52 -39.05 8.59 -6.83
C HIS H 52 -39.25 8.76 -8.34
N LYS H 53 -40.49 8.98 -8.77
CA LYS H 53 -40.74 9.27 -10.18
C LYS H 53 -39.96 10.50 -10.63
N TYR H 54 -39.63 11.39 -9.71
CA TYR H 54 -38.84 12.58 -10.06
C TYR H 54 -37.52 12.19 -10.71
N TYR H 55 -36.89 11.11 -10.24
CA TYR H 55 -35.54 10.80 -10.69
C TYR H 55 -35.51 10.03 -12.00
N PHE H 56 -36.58 9.28 -12.32
CA PHE H 56 -36.63 8.64 -13.63
C PHE H 56 -36.88 9.65 -14.73
N THR H 57 -37.50 10.79 -14.39
CA THR H 57 -37.99 11.76 -15.36
C THR H 57 -37.15 13.03 -15.39
N MET H 58 -35.88 12.94 -14.99
CA MET H 58 -35.01 14.10 -15.07
C MET H 58 -34.84 14.54 -16.53
N PRO H 59 -34.75 15.84 -16.76
CA PRO H 59 -34.93 16.37 -18.12
C PRO H 59 -33.74 16.15 -19.05
N SER H 60 -32.53 16.10 -18.51
CA SER H 60 -31.33 16.02 -19.35
C SER H 60 -31.29 14.67 -20.05
N ALA H 61 -31.59 14.66 -21.35
CA ALA H 61 -31.42 13.46 -22.17
C ALA H 61 -31.03 13.78 -23.60
N PRO H 62 -29.89 14.42 -23.85
CA PRO H 62 -29.46 14.65 -25.23
C PRO H 62 -28.21 13.84 -25.55
N PRO H 63 -28.36 12.66 -26.15
CA PRO H 63 -27.18 11.80 -26.36
C PRO H 63 -26.61 11.86 -27.77
N ALA H 64 -25.28 11.97 -27.87
CA ALA H 64 -24.57 11.83 -29.13
C ALA H 64 -24.06 10.40 -29.28
N PRO H 65 -24.09 9.82 -30.49
CA PRO H 65 -23.68 8.43 -30.65
C PRO H 65 -22.19 8.22 -30.42
N ASP H 66 -21.79 8.08 -29.16
CA ASP H 66 -20.40 7.84 -28.81
C ASP H 66 -20.27 6.61 -27.93
N ALA H 67 -20.15 6.83 -26.62
CA ALA H 67 -20.15 5.75 -25.63
C ALA H 67 -21.45 5.56 -24.85
N PRO H 68 -22.56 6.32 -25.10
CA PRO H 68 -23.72 6.17 -24.20
C PRO H 68 -24.43 4.83 -24.34
N LYS H 69 -23.83 3.80 -23.75
CA LYS H 69 -24.51 2.53 -23.50
C LYS H 69 -24.54 2.33 -22.00
N PRO H 70 -25.70 2.45 -21.34
CA PRO H 70 -25.73 2.41 -19.88
C PRO H 70 -25.23 1.07 -19.32
N HIS H 71 -24.08 1.11 -18.66
CA HIS H 71 -23.41 -0.07 -18.13
C HIS H 71 -23.45 0.02 -16.60
N VAL H 72 -24.52 -0.49 -16.01
CA VAL H 72 -24.75 -0.45 -14.57
C VAL H 72 -25.21 -1.82 -14.11
N LEU H 73 -24.65 -2.30 -13.00
CA LEU H 73 -25.07 -3.59 -12.46
C LEU H 73 -25.27 -3.50 -10.96
N ASN H 74 -26.43 -3.94 -10.48
CA ASN H 74 -26.70 -4.01 -9.05
C ASN H 74 -26.52 -5.45 -8.57
N THR H 75 -25.88 -5.59 -7.41
CA THR H 75 -25.60 -6.88 -6.80
C THR H 75 -26.03 -6.84 -5.34
N MET H 76 -26.68 -7.91 -4.89
CA MET H 76 -27.17 -8.00 -3.51
C MET H 76 -26.16 -8.84 -2.73
N ALA H 77 -25.19 -8.15 -2.12
CA ALA H 77 -24.20 -8.81 -1.29
C ALA H 77 -24.84 -9.36 -0.02
N SER H 78 -24.62 -10.65 0.20
CA SER H 78 -25.07 -11.39 1.38
C SER H 78 -26.54 -11.14 1.74
N PRO H 79 -27.46 -11.51 0.85
CA PRO H 79 -28.88 -11.25 1.12
C PRO H 79 -29.39 -12.07 2.30
N HIS H 80 -30.44 -11.53 2.93
CA HIS H 80 -31.08 -12.18 4.07
C HIS H 80 -32.57 -11.91 3.97
N VAL H 81 -33.35 -12.97 3.77
CA VAL H 81 -34.80 -12.89 3.65
C VAL H 81 -35.41 -13.41 4.93
N ARG H 82 -36.37 -12.67 5.48
CA ARG H 82 -37.09 -13.06 6.68
C ARG H 82 -38.59 -13.01 6.42
N MET H 83 -39.28 -14.09 6.77
CA MET H 83 -40.72 -14.17 6.63
C MET H 83 -41.37 -13.77 7.96
N VAL H 84 -42.14 -12.69 7.94
CA VAL H 84 -42.81 -12.22 9.14
C VAL H 84 -44.30 -12.43 8.98
N GLY H 85 -44.81 -13.56 9.49
CA GLY H 85 -46.20 -13.83 9.30
C GLY H 85 -46.48 -14.35 7.89
N ASP H 86 -47.77 -14.42 7.57
CA ASP H 86 -48.21 -14.97 6.29
C ASP H 86 -48.03 -14.01 5.12
N SER H 87 -47.98 -12.70 5.36
CA SER H 87 -48.10 -11.72 4.28
C SER H 87 -46.90 -10.82 4.11
N CYS H 88 -45.82 -10.99 4.88
CA CYS H 88 -44.71 -10.04 4.86
C CYS H 88 -43.38 -10.74 4.66
N ALA H 89 -42.49 -10.07 3.92
CA ALA H 89 -41.11 -10.51 3.76
C ALA H 89 -40.19 -9.31 3.88
N VAL H 90 -39.04 -9.50 4.54
CA VAL H 90 -38.06 -8.45 4.74
C VAL H 90 -36.75 -8.90 4.12
N VAL H 91 -36.28 -8.16 3.11
CA VAL H 91 -35.07 -8.47 2.38
C VAL H 91 -34.02 -7.45 2.79
N SER H 92 -32.98 -7.91 3.49
CA SER H 92 -31.90 -7.06 3.95
C SER H 92 -30.61 -7.48 3.25
N TYR H 93 -29.85 -6.52 2.75
CA TYR H 93 -28.68 -6.85 1.95
C TYR H 93 -27.79 -5.62 1.82
N ILE H 94 -26.62 -5.81 1.19
CA ILE H 94 -25.74 -4.71 0.83
C ILE H 94 -25.84 -4.53 -0.68
N ARG H 95 -26.44 -3.44 -1.12
CA ARG H 95 -26.54 -3.16 -2.55
C ARG H 95 -25.20 -2.61 -3.05
N LEU H 96 -24.56 -3.36 -3.96
CA LEU H 96 -23.35 -2.93 -4.64
C LEU H 96 -23.73 -2.53 -6.05
N THR H 97 -23.59 -1.25 -6.36
CA THR H 97 -23.93 -0.70 -7.67
C THR H 97 -22.63 -0.40 -8.42
N GLN H 98 -22.42 -1.10 -9.52
CA GLN H 98 -21.27 -0.87 -10.38
C GLN H 98 -21.68 0.08 -11.51
N LYS H 99 -21.07 1.25 -11.53
CA LYS H 99 -21.35 2.32 -12.48
C LYS H 99 -20.07 2.70 -13.21
N MET H 100 -20.24 3.52 -14.25
CA MET H 100 -19.11 4.05 -15.02
C MET H 100 -19.07 5.57 -14.83
N VAL H 101 -17.96 6.06 -14.29
CA VAL H 101 -17.75 7.48 -14.08
C VAL H 101 -16.43 7.86 -14.73
N ASN H 102 -16.46 8.85 -15.63
CA ASN H 102 -15.28 9.33 -16.34
C ASN H 102 -14.53 8.20 -17.04
N GLY H 103 -15.29 7.26 -17.61
CA GLY H 103 -14.70 6.14 -18.31
C GLY H 103 -14.04 5.09 -17.41
N ALA H 104 -14.27 5.15 -16.11
CA ALA H 104 -13.69 4.20 -15.18
C ALA H 104 -14.78 3.57 -14.32
N PRO H 105 -14.63 2.31 -13.94
CA PRO H 105 -15.64 1.67 -13.09
C PRO H 105 -15.57 2.15 -11.65
N VAL H 106 -16.73 2.18 -11.01
CA VAL H 106 -16.86 2.59 -9.61
C VAL H 106 -17.92 1.71 -8.94
N THR H 107 -17.61 1.25 -7.72
CA THR H 107 -18.51 0.41 -6.95
C THR H 107 -19.04 1.20 -5.76
N VAL H 108 -20.35 1.47 -5.76
CA VAL H 108 -21.03 2.14 -4.66
C VAL H 108 -21.68 1.09 -3.78
N GLN H 109 -21.72 1.33 -2.48
CA GLN H 109 -22.30 0.40 -1.53
C GLN H 109 -23.36 1.08 -0.68
N ALA H 110 -24.42 0.35 -0.38
CA ALA H 110 -25.51 0.87 0.44
C ALA H 110 -26.11 -0.25 1.28
N GLU H 111 -26.53 0.08 2.50
CA GLU H 111 -27.29 -0.84 3.32
C GLU H 111 -28.75 -0.72 2.95
N GLU H 112 -29.36 -1.80 2.46
CA GLU H 112 -30.75 -1.74 2.01
C GLU H 112 -31.62 -2.75 2.75
N THR H 113 -32.73 -2.25 3.29
CA THR H 113 -33.80 -3.05 3.85
C THR H 113 -35.08 -2.75 3.10
N ARG H 114 -35.60 -3.74 2.38
CA ARG H 114 -36.81 -3.56 1.59
C ARG H 114 -37.87 -4.55 2.06
N VAL H 115 -39.06 -4.03 2.34
CA VAL H 115 -40.18 -4.83 2.83
C VAL H 115 -41.15 -5.07 1.69
N TRP H 116 -41.58 -6.32 1.53
CA TRP H 116 -42.52 -6.72 0.50
C TRP H 116 -43.75 -7.35 1.15
N GLU H 117 -44.91 -7.07 0.55
CA GLU H 117 -46.19 -7.61 1.00
C GLU H 117 -46.77 -8.51 -0.08
N LYS H 118 -47.32 -9.64 0.33
CA LYS H 118 -47.96 -10.57 -0.60
C LYS H 118 -49.38 -10.08 -0.84
N LYS H 119 -49.58 -9.38 -1.96
CA LYS H 119 -50.85 -8.81 -2.36
C LYS H 119 -51.20 -9.30 -3.76
N ASP H 120 -52.46 -9.68 -3.94
CA ASP H 120 -52.99 -10.08 -5.24
C ASP H 120 -52.11 -11.13 -5.90
N GLY H 121 -51.75 -12.16 -5.13
CA GLY H 121 -50.97 -13.26 -5.66
C GLY H 121 -49.58 -12.89 -6.13
N GLY H 122 -49.04 -11.76 -5.66
CA GLY H 122 -47.70 -11.36 -6.01
C GLY H 122 -47.07 -10.64 -4.83
N TRP H 123 -45.84 -10.16 -5.03
CA TRP H 123 -45.15 -9.37 -4.03
C TRP H 123 -45.07 -7.92 -4.50
N ILE H 124 -45.44 -6.99 -3.64
CA ILE H 124 -45.31 -5.56 -3.94
C ILE H 124 -44.48 -4.90 -2.85
N HIS H 125 -43.70 -3.90 -3.25
CA HIS H 125 -42.77 -3.23 -2.34
C HIS H 125 -43.50 -2.17 -1.54
N VAL H 126 -43.35 -2.19 -0.21
CA VAL H 126 -44.12 -1.29 0.65
C VAL H 126 -43.20 -0.33 1.40
N HIS H 127 -41.99 -0.77 1.76
CA HIS H 127 -41.09 0.05 2.55
C HIS H 127 -39.66 -0.10 2.05
N MET H 128 -38.91 1.00 2.13
CA MET H 128 -37.57 1.11 1.59
C MET H 128 -36.68 1.84 2.60
N HIS H 129 -35.44 1.36 2.76
CA HIS H 129 -34.50 2.02 3.66
C HIS H 129 -33.09 1.87 3.12
N ARG H 130 -32.52 2.98 2.65
CA ARG H 130 -31.17 3.02 2.10
C ARG H 130 -30.23 3.78 3.03
N SER H 131 -29.01 3.28 3.17
CA SER H 131 -27.98 3.92 3.98
C SER H 131 -26.65 3.80 3.26
N LEU H 132 -25.98 4.93 3.04
CA LEU H 132 -24.71 4.91 2.34
C LEU H 132 -23.57 4.63 3.31
N VAL H 133 -22.57 3.88 2.84
CA VAL H 133 -21.39 3.58 3.64
C VAL H 133 -20.13 4.02 2.92
N SER I 2 -61.78 14.27 6.71
CA SER I 2 -62.66 15.15 5.94
C SER I 2 -62.21 16.60 6.06
N ALA I 3 -62.05 17.08 7.29
CA ALA I 3 -61.61 18.45 7.51
C ALA I 3 -60.14 18.62 7.19
N ALA I 4 -59.30 17.67 7.60
CA ALA I 4 -57.85 17.81 7.44
C ALA I 4 -57.41 17.55 6.00
N ALA I 5 -58.05 16.58 5.33
CA ALA I 5 -57.63 16.22 3.98
C ALA I 5 -57.87 17.37 2.99
N GLU I 6 -58.96 18.10 3.16
CA GLU I 6 -59.25 19.24 2.30
C GLU I 6 -58.17 20.31 2.43
N VAL I 7 -57.77 20.61 3.67
CA VAL I 7 -56.72 21.60 3.91
C VAL I 7 -55.39 21.12 3.35
N LEU I 8 -55.09 19.82 3.49
CA LEU I 8 -53.85 19.29 2.96
C LEU I 8 -53.81 19.39 1.44
N ALA I 9 -54.94 19.09 0.78
CA ALA I 9 -55.00 19.26 -0.67
C ALA I 9 -54.78 20.72 -1.06
N ARG I 10 -55.39 21.64 -0.31
CA ARG I 10 -55.18 23.07 -0.59
C ARG I 10 -53.71 23.45 -0.44
N ASN I 11 -53.04 22.93 0.60
CA ASN I 11 -51.63 23.27 0.81
C ASN I 11 -50.75 22.72 -0.31
N GLN I 12 -51.01 21.47 -0.74
CA GLN I 12 -50.25 20.91 -1.86
C GLN I 12 -50.51 21.69 -3.14
N GLU I 13 -51.76 22.15 -3.34
CA GLU I 13 -52.06 22.98 -4.49
C GLU I 13 -51.29 24.29 -4.46
N LEU I 14 -51.18 24.89 -3.26
CA LEU I 14 -50.39 26.11 -3.10
C LEU I 14 -48.93 25.87 -3.46
N LEU I 15 -48.36 24.77 -2.95
CA LEU I 15 -46.97 24.45 -3.26
C LEU I 15 -46.77 24.22 -4.75
N THR I 16 -47.73 23.56 -5.40
CA THR I 16 -47.64 23.35 -6.84
C THR I 16 -47.67 24.69 -7.59
N ALA I 17 -48.56 25.59 -7.18
CA ALA I 17 -48.62 26.91 -7.79
C ALA I 17 -47.30 27.64 -7.64
N ILE I 18 -46.67 27.52 -6.46
CA ILE I 18 -45.36 28.14 -6.24
C ILE I 18 -44.34 27.55 -7.20
N ALA I 19 -44.30 26.21 -7.29
CA ALA I 19 -43.31 25.55 -8.12
C ALA I 19 -43.47 25.88 -9.59
N ALA I 20 -44.72 26.11 -10.03
CA ALA I 20 -44.97 26.39 -11.44
C ALA I 20 -44.80 27.87 -11.79
N GLY I 21 -44.79 28.75 -10.80
CA GLY I 21 -44.75 30.18 -11.06
C GLY I 21 -46.10 30.82 -11.30
N ASN I 22 -47.18 30.16 -10.91
CA ASN I 22 -48.54 30.67 -11.08
C ASN I 22 -48.82 31.64 -9.94
N TYR I 23 -48.48 32.91 -10.14
CA TYR I 23 -48.74 33.89 -9.09
C TYR I 23 -50.23 34.18 -8.95
N GLU I 24 -51.01 33.97 -10.00
CA GLU I 24 -52.44 34.23 -9.92
C GLU I 24 -53.11 33.29 -8.93
N LYS I 25 -52.93 31.98 -9.12
CA LYS I 25 -53.49 31.01 -8.19
C LYS I 25 -52.92 31.19 -6.79
N TYR I 26 -51.63 31.51 -6.69
CA TYR I 26 -51.02 31.78 -5.40
C TYR I 26 -51.72 32.92 -4.69
N ALA I 27 -52.01 34.01 -5.41
CA ALA I 27 -52.64 35.17 -4.81
C ALA I 27 -54.09 34.87 -4.43
N THR I 28 -54.80 34.08 -5.23
CA THR I 28 -56.18 33.76 -4.90
C THR I 28 -56.30 32.95 -3.62
N MET I 29 -55.25 32.21 -3.25
CA MET I 29 -55.28 31.35 -2.08
C MET I 29 -54.71 32.01 -0.84
N CYS I 30 -54.15 33.21 -0.95
CA CYS I 30 -53.52 33.90 0.16
C CYS I 30 -54.30 35.16 0.52
N ASP I 31 -54.49 35.37 1.82
CA ASP I 31 -55.13 36.60 2.27
C ASP I 31 -54.23 37.79 1.97
N PRO I 32 -54.77 38.90 1.46
CA PRO I 32 -53.93 40.06 1.14
C PRO I 32 -53.17 40.62 2.33
N SER I 33 -53.56 40.25 3.56
CA SER I 33 -52.86 40.66 4.77
C SER I 33 -51.99 39.54 5.34
N MET I 34 -51.48 38.66 4.49
CA MET I 34 -50.74 37.49 4.94
C MET I 34 -49.40 37.88 5.55
N THR I 35 -49.09 37.26 6.71
CA THR I 35 -47.83 37.45 7.38
C THR I 35 -46.87 36.31 7.06
N CYS I 36 -45.57 36.62 7.06
CA CYS I 36 -44.59 35.68 6.53
C CYS I 36 -43.25 35.83 7.23
N PHE I 37 -42.78 34.74 7.84
CA PHE I 37 -41.38 34.53 8.15
C PHE I 37 -40.81 33.59 7.09
N GLU I 38 -39.69 33.98 6.48
CA GLU I 38 -39.04 33.12 5.49
C GLU I 38 -37.60 33.58 5.34
N PRO I 39 -36.72 32.72 4.80
CA PRO I 39 -35.30 33.10 4.66
C PRO I 39 -35.10 34.36 3.82
N GLU I 40 -35.92 34.58 2.80
CA GLU I 40 -35.77 35.77 1.97
C GLU I 40 -36.12 37.04 2.73
N ALA I 41 -36.82 36.94 3.87
CA ALA I 41 -37.15 38.08 4.70
C ALA I 41 -36.04 38.45 5.68
N VAL I 42 -34.85 37.86 5.52
CA VAL I 42 -33.64 38.10 6.31
C VAL I 42 -33.93 38.43 7.76
N GLY I 43 -34.76 37.61 8.41
CA GLY I 43 -34.95 37.72 9.85
C GLY I 43 -35.99 38.72 10.30
N HIS I 44 -36.97 39.04 9.46
CA HIS I 44 -38.02 39.99 9.81
C HIS I 44 -39.37 39.43 9.38
N LEU I 45 -40.42 40.00 9.96
CA LEU I 45 -41.79 39.61 9.62
C LEU I 45 -42.29 40.52 8.50
N VAL I 46 -42.70 39.91 7.39
CA VAL I 46 -43.16 40.64 6.22
C VAL I 46 -44.66 40.42 6.07
N GLU I 47 -45.36 41.47 5.62
CA GLU I 47 -46.81 41.44 5.44
C GLU I 47 -47.14 41.79 4.00
N GLY I 48 -48.19 41.17 3.47
CA GLY I 48 -48.64 41.43 2.11
C GLY I 48 -48.12 40.39 1.12
N LEU I 49 -48.47 40.63 -0.14
CA LEU I 49 -48.10 39.73 -1.23
C LEU I 49 -47.06 40.29 -2.18
N ASP I 50 -46.81 41.60 -2.16
CA ASP I 50 -45.84 42.19 -3.07
C ASP I 50 -44.46 41.61 -2.86
N PHE I 51 -44.09 41.35 -1.59
CA PHE I 51 -42.79 40.76 -1.30
C PHE I 51 -42.62 39.42 -1.99
N HIS I 52 -43.69 38.62 -2.05
CA HIS I 52 -43.62 37.34 -2.75
C HIS I 52 -43.84 37.51 -4.25
N LYS I 53 -44.69 38.45 -4.66
CA LYS I 53 -44.87 38.73 -6.08
C LYS I 53 -43.55 39.12 -6.74
N TYR I 54 -42.63 39.68 -5.96
CA TYR I 54 -41.32 40.05 -6.50
C TYR I 54 -40.64 38.87 -7.16
N TYR I 55 -40.74 37.67 -6.56
CA TYR I 55 -40.01 36.52 -7.07
C TYR I 55 -40.67 35.87 -8.27
N PHE I 56 -41.98 36.05 -8.45
CA PHE I 56 -42.63 35.55 -9.65
C PHE I 56 -42.35 36.41 -10.87
N THR I 57 -42.03 37.69 -10.66
CA THR I 57 -41.90 38.67 -11.73
C THR I 57 -40.44 39.05 -12.00
N MET I 58 -39.51 38.17 -11.66
CA MET I 58 -38.10 38.49 -11.84
C MET I 58 -37.77 38.57 -13.33
N PRO I 59 -36.94 39.54 -13.73
CA PRO I 59 -36.65 39.71 -15.17
C PRO I 59 -35.82 38.58 -15.74
N SER I 60 -36.48 37.56 -16.28
CA SER I 60 -35.81 36.43 -16.88
C SER I 60 -35.78 36.57 -18.41
N ALA I 61 -35.02 35.67 -19.04
CA ALA I 61 -34.90 35.66 -20.50
C ALA I 61 -34.34 34.32 -20.96
N PRO I 63 -35.94 31.98 -22.52
CA PRO I 63 -35.36 30.64 -22.33
C PRO I 63 -34.02 30.50 -23.05
N ALA I 64 -33.79 29.35 -23.67
CA ALA I 64 -32.60 29.14 -24.47
C ALA I 64 -32.73 27.92 -25.39
N PRO I 65 -33.93 27.72 -26.04
CA PRO I 65 -34.28 26.43 -26.67
C PRO I 65 -33.20 25.36 -26.72
N ASP I 66 -32.77 24.94 -25.52
CA ASP I 66 -31.74 23.92 -25.32
C ASP I 66 -31.70 23.58 -23.84
N ALA I 67 -32.00 24.57 -23.00
CA ALA I 67 -32.20 24.34 -21.59
C ALA I 67 -33.50 23.57 -21.37
N PRO I 68 -33.63 22.84 -20.26
CA PRO I 68 -34.74 21.91 -20.12
C PRO I 68 -35.96 22.46 -19.40
N LYS I 69 -36.94 21.60 -19.15
CA LYS I 69 -38.19 22.00 -18.52
C LYS I 69 -37.97 22.32 -17.04
N PRO I 70 -38.89 23.09 -16.43
CA PRO I 70 -38.81 23.29 -14.97
C PRO I 70 -39.13 22.02 -14.21
N HIS I 71 -38.09 21.33 -13.75
CA HIS I 71 -38.24 20.04 -13.08
C HIS I 71 -38.12 20.28 -11.58
N VAL I 72 -39.26 20.57 -10.94
CA VAL I 72 -39.31 20.88 -9.52
C VAL I 72 -40.47 20.10 -8.91
N LEU I 73 -40.24 19.49 -7.76
CA LEU I 73 -41.30 18.74 -7.08
C LEU I 73 -41.25 19.00 -5.58
N ASN I 74 -42.39 19.40 -5.02
CA ASN I 74 -42.50 19.68 -3.59
C ASN I 74 -43.22 18.53 -2.89
N THR I 75 -42.65 18.09 -1.78
CA THR I 75 -43.17 16.97 -1.01
C THR I 75 -43.35 17.41 0.44
N MET I 76 -44.52 17.11 1.01
CA MET I 76 -44.82 17.46 2.40
C MET I 76 -44.48 16.26 3.28
N ALA I 77 -43.23 16.20 3.72
CA ALA I 77 -42.80 15.11 4.60
C ALA I 77 -43.44 15.24 5.97
N SER I 78 -44.08 14.15 6.38
CA SER I 78 -44.67 13.98 7.71
C SER I 78 -45.58 15.14 8.12
N PRO I 79 -46.67 15.38 7.40
CA PRO I 79 -47.54 16.51 7.73
C PRO I 79 -48.30 16.28 9.03
N HIS I 80 -48.66 17.39 9.66
CA HIS I 80 -49.45 17.40 10.88
C HIS I 80 -50.44 18.54 10.79
N VAL I 81 -51.73 18.23 10.85
CA VAL I 81 -52.79 19.22 10.75
C VAL I 81 -53.43 19.36 12.12
N ARG I 82 -53.56 20.60 12.58
CA ARG I 82 -54.17 20.92 13.87
C ARG I 82 -55.38 21.80 13.64
N MET I 83 -56.54 21.36 14.14
CA MET I 83 -57.76 22.15 14.08
C MET I 83 -57.89 22.95 15.38
N VAL I 84 -57.82 24.26 15.27
CA VAL I 84 -57.96 25.17 16.41
C VAL I 84 -59.21 25.99 16.18
N GLY I 85 -60.33 25.53 16.72
CA GLY I 85 -61.59 26.16 16.45
C GLY I 85 -62.22 25.63 15.18
N ASP I 86 -63.35 26.23 14.82
CA ASP I 86 -64.10 25.78 13.65
C ASP I 86 -63.45 26.19 12.33
N SER I 87 -62.75 27.34 12.30
CA SER I 87 -62.38 27.97 11.04
C SER I 87 -60.87 28.13 10.86
N CYS I 88 -60.06 27.43 11.63
CA CYS I 88 -58.61 27.56 11.51
C CYS I 88 -57.94 26.20 11.46
N ALA I 89 -56.91 26.10 10.62
CA ALA I 89 -56.13 24.87 10.48
C ALA I 89 -54.66 25.22 10.37
N VAL I 90 -53.82 24.55 11.16
CA VAL I 90 -52.38 24.75 11.17
C VAL I 90 -51.73 23.53 10.54
N VAL I 91 -51.02 23.73 9.44
CA VAL I 91 -50.33 22.66 8.73
C VAL I 91 -48.84 22.80 9.01
N SER I 92 -48.26 21.80 9.66
CA SER I 92 -46.85 21.77 10.00
C SER I 92 -46.20 20.57 9.33
N TYR I 93 -45.14 20.81 8.56
CA TYR I 93 -44.53 19.72 7.81
C TYR I 93 -43.09 20.09 7.46
N ILE I 94 -42.41 19.16 6.80
CA ILE I 94 -41.08 19.43 6.26
C ILE I 94 -41.21 19.46 4.74
N ARG I 95 -41.02 20.64 4.16
CA ARG I 95 -41.07 20.78 2.71
C ARG I 95 -39.76 20.31 2.10
N LEU I 96 -39.86 19.31 1.22
CA LEU I 96 -38.73 18.79 0.44
C LEU I 96 -38.94 19.21 -1.01
N THR I 97 -38.06 20.07 -1.50
CA THR I 97 -38.12 20.57 -2.87
C THR I 97 -37.00 19.93 -3.66
N GLN I 98 -37.36 19.07 -4.61
CA GLN I 98 -36.40 18.46 -5.53
C GLN I 98 -36.29 19.35 -6.77
N LYS I 99 -35.09 19.87 -7.01
CA LYS I 99 -34.84 20.74 -8.15
C LYS I 99 -33.54 20.31 -8.84
N MET I 100 -33.32 20.87 -10.02
CA MET I 100 -32.14 20.56 -10.83
C MET I 100 -31.19 21.75 -10.77
N VAL I 101 -29.98 21.52 -10.26
CA VAL I 101 -28.93 22.52 -10.23
C VAL I 101 -27.81 22.04 -11.15
N ASN I 102 -27.41 22.90 -12.08
CA ASN I 102 -26.50 22.52 -13.16
C ASN I 102 -27.05 21.28 -13.86
N GLY I 103 -26.41 20.14 -13.66
CA GLY I 103 -26.88 18.92 -14.28
C GLY I 103 -27.24 17.82 -13.30
N ALA I 104 -27.38 18.17 -12.02
CA ALA I 104 -27.63 17.19 -10.99
C ALA I 104 -28.83 17.57 -10.15
N PRO I 105 -29.57 16.60 -9.64
CA PRO I 105 -30.69 16.91 -8.75
C PRO I 105 -30.23 17.13 -7.32
N VAL I 106 -30.93 18.05 -6.64
CA VAL I 106 -30.70 18.31 -5.22
C VAL I 106 -32.04 18.43 -4.52
N THR I 107 -32.05 18.07 -3.24
CA THR I 107 -33.24 18.11 -2.40
C THR I 107 -33.02 19.15 -1.30
N VAL I 108 -33.89 20.17 -1.26
CA VAL I 108 -33.86 21.22 -0.26
C VAL I 108 -34.91 20.91 0.80
N GLN I 109 -34.53 21.05 2.07
CA GLN I 109 -35.45 20.81 3.18
C GLN I 109 -35.72 22.10 3.93
N ALA I 110 -36.96 22.28 4.35
CA ALA I 110 -37.33 23.44 5.16
C ALA I 110 -38.45 23.07 6.12
N GLU I 111 -38.41 23.61 7.33
CA GLU I 111 -39.52 23.49 8.26
C GLU I 111 -40.60 24.51 7.88
N GLU I 112 -41.83 24.05 7.69
CA GLU I 112 -42.90 24.95 7.25
C GLU I 112 -44.12 24.82 8.14
N THR I 113 -44.58 25.95 8.65
CA THR I 113 -45.86 26.09 9.33
C THR I 113 -46.71 27.08 8.55
N ARG I 114 -47.86 26.63 8.07
CA ARG I 114 -48.76 27.48 7.31
C ARG I 114 -50.15 27.44 7.94
N VAL I 115 -50.73 28.61 8.13
CA VAL I 115 -52.03 28.76 8.78
C VAL I 115 -53.08 29.08 7.74
N TRP I 116 -54.19 28.35 7.77
CA TRP I 116 -55.30 28.52 6.85
C TRP I 116 -56.55 28.84 7.64
N GLU I 117 -57.37 29.74 7.09
CA GLU I 117 -58.61 30.18 7.70
C GLU I 117 -59.77 29.89 6.77
N LYS I 118 -60.89 29.42 7.34
CA LYS I 118 -62.09 29.18 6.54
C LYS I 118 -62.82 30.51 6.38
N LYS I 119 -62.50 31.20 5.29
CA LYS I 119 -63.08 32.48 4.93
C LYS I 119 -63.79 32.34 3.59
N ASP I 120 -64.94 32.98 3.46
CA ASP I 120 -65.72 32.99 2.22
C ASP I 120 -66.03 31.57 1.75
N GLY I 121 -66.29 30.68 2.71
CA GLY I 121 -66.63 29.31 2.37
C GLY I 121 -65.50 28.50 1.78
N GLY I 122 -64.27 28.99 1.89
CA GLY I 122 -63.10 28.26 1.42
C GLY I 122 -61.94 28.44 2.38
N TRP I 123 -60.81 27.83 2.04
CA TRP I 123 -59.60 27.92 2.86
C TRP I 123 -58.64 28.91 2.23
N ILE I 124 -58.26 29.93 3.01
CA ILE I 124 -57.36 30.98 2.55
C ILE I 124 -56.15 31.02 3.47
N HIS I 125 -54.96 31.18 2.88
CA HIS I 125 -53.72 31.16 3.63
C HIS I 125 -53.44 32.54 4.23
N VAL I 126 -53.15 32.57 5.53
CA VAL I 126 -53.03 33.85 6.23
C VAL I 126 -51.64 34.05 6.81
N HIS I 127 -51.00 32.98 7.27
CA HIS I 127 -49.70 33.09 7.90
C HIS I 127 -48.77 31.97 7.41
N MET I 128 -47.49 32.31 7.29
CA MET I 128 -46.47 31.40 6.79
C MET I 128 -45.20 31.56 7.62
N HIS I 129 -44.60 30.43 8.00
CA HIS I 129 -43.34 30.45 8.75
C HIS I 129 -42.44 29.36 8.18
N ARG I 130 -41.35 29.76 7.54
CA ARG I 130 -40.46 28.87 6.81
C ARG I 130 -39.04 29.06 7.32
N SER I 131 -38.36 27.96 7.63
CA SER I 131 -36.99 28.00 8.12
C SER I 131 -36.17 26.91 7.44
N LEU I 132 -35.02 27.29 6.91
CA LEU I 132 -34.16 26.34 6.20
C LEU I 132 -33.37 25.48 7.18
N VAL I 133 -33.30 24.19 6.87
CA VAL I 133 -32.46 23.25 7.59
C VAL I 133 -31.31 22.85 6.68
N LYS I 134 -30.10 22.81 7.24
CA LYS I 134 -28.92 22.42 6.48
C LYS I 134 -28.31 21.13 7.03
#